data_7R2O
#
_entry.id   7R2O
#
_cell.length_a   169.968
_cell.length_b   64.019
_cell.length_c   88.882
_cell.angle_alpha   90.000
_cell.angle_beta   120.420
_cell.angle_gamma   90.000
#
_symmetry.space_group_name_H-M   'C 1 2 1'
#
loop_
_entity.id
_entity.type
_entity.pdbx_description
1 polymer 'Anaerobic nitric oxide reductase flavorubredoxin'
2 non-polymer 'FLAVIN MONONUCLEOTIDE'
3 non-polymer MU-OXO-DIIRON
4 non-polymer GLYCEROL
5 water water
#
_entity_poly.entity_id   1
_entity_poly.type   'polypeptide(L)'
_entity_poly.pdbx_seq_one_letter_code
;MSIVVKNNIHWVGQRDWEVRDFHGTEYKTLRGSSYNSYLIREEKNVLIDTVDHKFSREFVQNLRNEIDLADIDYIVINHA
EEDHAGALTELMAQIPDTPIYCTANAIDSINGHHHHPEWNFNVVKTGDTLDIGNGKQLIFVETPMLHWPDSMMTYLTGDA
VLFSNDAFGQHYCDEHLFNDEVDQTELFEQCQRYYANILTPFSRLVTPKITEILGFNLPVDMIATSHGVVWRDNPTQIVE
LYLKWAADYQEDRITIFYDTMYNNTRMMADAIAQGIAETDPRVAVKIFNVARSDKNEILTNVFRSKGVLVGTSTMNNVMM
PKIAGLVEEMTGLRFRNKRASAFGSHGWSGGAVDRLSTRLQDAGFEMSLSLKAKWRPDQDALKLCREHGREIARQWALAP
LPQSTVNTVVKEETSATTTADLGPRMQCSVCQWIYDPAKGEPMQDVAPGTPWSEVPDNFLCPECSLGKDVFEELASEAK
;
_entity_poly.pdbx_strand_id   A,B
#
# COMPACT_ATOMS: atom_id res chain seq x y z
N SER A 2 -20.82 -1.25 -20.81
CA SER A 2 -20.22 -2.56 -21.00
C SER A 2 -18.97 -2.48 -21.86
N ILE A 3 -18.13 -3.52 -21.78
CA ILE A 3 -16.87 -3.59 -22.49
C ILE A 3 -16.79 -4.92 -23.23
N VAL A 4 -16.32 -4.88 -24.48
CA VAL A 4 -16.10 -6.10 -25.24
C VAL A 4 -14.90 -6.83 -24.67
N VAL A 5 -15.11 -8.05 -24.17
CA VAL A 5 -14.01 -8.88 -23.74
C VAL A 5 -13.32 -9.55 -24.94
N LYS A 6 -14.10 -10.22 -25.78
CA LYS A 6 -13.66 -10.67 -27.09
C LYS A 6 -14.88 -11.17 -27.85
N ASN A 7 -14.90 -10.92 -29.15
CA ASN A 7 -16.02 -11.34 -30.00
C ASN A 7 -17.35 -10.94 -29.37
N ASN A 8 -18.16 -11.91 -28.95
CA ASN A 8 -19.50 -11.64 -28.44
C ASN A 8 -19.58 -11.74 -26.91
N ILE A 9 -18.45 -11.71 -26.23
CA ILE A 9 -18.43 -11.66 -24.77
C ILE A 9 -18.33 -10.20 -24.34
N HIS A 10 -19.29 -9.76 -23.54
CA HIS A 10 -19.35 -8.38 -23.08
C HIS A 10 -19.27 -8.34 -21.56
N TRP A 11 -18.43 -7.46 -21.05
CA TRP A 11 -18.33 -7.25 -19.61
C TRP A 11 -19.48 -6.32 -19.18
N VAL A 12 -20.31 -6.80 -18.26
CA VAL A 12 -21.44 -6.02 -17.78
C VAL A 12 -21.38 -5.97 -16.26
N GLY A 13 -20.16 -5.97 -15.71
CA GLY A 13 -19.97 -5.94 -14.28
C GLY A 13 -20.05 -4.54 -13.71
N GLN A 14 -19.38 -4.37 -12.57
CA GLN A 14 -19.44 -3.13 -11.81
C GLN A 14 -18.09 -2.89 -11.14
N ARG A 15 -17.48 -1.76 -11.41
CA ARG A 15 -16.27 -1.35 -10.69
C ARG A 15 -16.64 -0.76 -9.33
N ASP A 16 -15.74 -0.94 -8.35
CA ASP A 16 -15.98 -0.48 -6.98
C ASP A 16 -14.68 0.17 -6.49
N TRP A 17 -14.53 1.46 -6.81
CA TRP A 17 -13.34 2.19 -6.37
C TRP A 17 -13.39 2.46 -4.87
N GLU A 18 -14.58 2.50 -4.28
CA GLU A 18 -14.70 3.00 -2.92
C GLU A 18 -14.48 1.89 -1.90
N VAL A 19 -14.90 0.67 -2.23
CA VAL A 19 -15.00 -0.37 -1.22
C VAL A 19 -13.67 -0.59 -0.52
N ARG A 20 -13.75 -0.77 0.79
CA ARG A 20 -12.59 -1.06 1.62
C ARG A 20 -12.78 -2.22 2.57
N ASP A 21 -14.02 -2.58 2.91
CA ASP A 21 -14.30 -3.64 3.88
C ASP A 21 -14.94 -4.82 3.18
N PHE A 22 -14.20 -5.93 3.08
CA PHE A 22 -14.73 -7.21 2.67
C PHE A 22 -14.72 -8.16 3.85
N HIS A 23 -15.57 -9.19 3.77
CA HIS A 23 -15.70 -10.18 4.84
C HIS A 23 -15.97 -9.50 6.18
N GLY A 24 -16.96 -8.60 6.18
CA GLY A 24 -17.13 -7.69 7.29
C GLY A 24 -16.08 -6.60 7.22
N THR A 25 -15.12 -6.63 8.15
CA THR A 25 -13.93 -5.81 8.06
C THR A 25 -12.66 -6.65 8.04
N GLU A 26 -12.77 -7.93 7.70
CA GLU A 26 -11.66 -8.87 7.80
C GLU A 26 -10.79 -8.91 6.55
N TYR A 27 -11.23 -8.31 5.45
CA TYR A 27 -10.39 -8.16 4.26
C TYR A 27 -10.49 -6.71 3.80
N LYS A 28 -9.43 -5.94 4.02
CA LYS A 28 -9.38 -4.54 3.60
C LYS A 28 -8.97 -4.48 2.13
N THR A 29 -9.85 -3.95 1.29
CA THR A 29 -9.57 -3.81 -0.14
C THR A 29 -9.04 -2.40 -0.37
N LEU A 30 -7.74 -2.24 -0.16
CA LEU A 30 -7.11 -0.92 -0.21
C LEU A 30 -7.04 -0.36 -1.63
N ARG A 31 -7.23 -1.20 -2.64
CA ARG A 31 -7.28 -0.74 -4.03
C ARG A 31 -8.63 -1.01 -4.65
N GLY A 32 -9.68 -0.98 -3.85
CA GLY A 32 -11.01 -1.25 -4.35
C GLY A 32 -11.14 -2.69 -4.85
N SER A 33 -12.18 -2.90 -5.65
CA SER A 33 -12.40 -4.18 -6.29
C SER A 33 -13.35 -3.97 -7.47
N SER A 34 -13.64 -5.05 -8.17
CA SER A 34 -14.68 -5.07 -9.18
C SER A 34 -15.48 -6.34 -9.00
N TYR A 35 -16.68 -6.34 -9.59
CA TYR A 35 -17.54 -7.51 -9.65
C TYR A 35 -17.80 -7.79 -11.11
N ASN A 36 -17.17 -8.83 -11.65
CA ASN A 36 -17.20 -9.10 -13.08
C ASN A 36 -18.39 -9.99 -13.41
N SER A 37 -19.23 -9.51 -14.32
CA SER A 37 -20.35 -10.26 -14.87
C SER A 37 -20.28 -10.17 -16.39
N TYR A 38 -20.56 -11.28 -17.08
CA TYR A 38 -20.34 -11.36 -18.52
C TYR A 38 -21.61 -11.77 -19.24
N LEU A 39 -21.80 -11.21 -20.43
CA LEU A 39 -22.95 -11.48 -21.28
C LEU A 39 -22.44 -11.99 -22.62
N ILE A 40 -22.71 -13.26 -22.93
CA ILE A 40 -22.30 -13.88 -24.18
C ILE A 40 -23.48 -13.89 -25.13
N ARG A 41 -23.28 -13.34 -26.32
CA ARG A 41 -24.35 -13.18 -27.30
C ARG A 41 -24.03 -13.97 -28.56
N GLU A 42 -24.37 -15.26 -28.55
CA GLU A 42 -24.30 -16.10 -29.73
C GLU A 42 -25.71 -16.38 -30.24
N GLU A 43 -25.99 -17.62 -30.65
CA GLU A 43 -27.37 -17.98 -30.95
C GLU A 43 -28.23 -17.88 -29.69
N LYS A 44 -27.69 -18.33 -28.56
CA LYS A 44 -28.27 -18.10 -27.26
C LYS A 44 -27.51 -16.98 -26.55
N ASN A 45 -28.19 -16.32 -25.62
CA ASN A 45 -27.61 -15.27 -24.80
C ASN A 45 -27.46 -15.79 -23.38
N VAL A 46 -26.24 -15.74 -22.85
CA VAL A 46 -25.92 -16.30 -21.54
C VAL A 46 -25.33 -15.20 -20.67
N LEU A 47 -25.87 -15.06 -19.47
CA LEU A 47 -25.30 -14.19 -18.44
C LEU A 47 -24.52 -15.03 -17.45
N ILE A 48 -23.27 -14.64 -17.19
CA ILE A 48 -22.39 -15.32 -16.26
C ILE A 48 -22.31 -14.47 -15.00
N ASP A 49 -22.86 -14.97 -13.89
CA ASP A 49 -22.81 -14.30 -12.60
C ASP A 49 -23.48 -12.92 -12.63
N THR A 50 -23.69 -12.32 -11.46
CA THR A 50 -24.14 -10.93 -11.40
C THR A 50 -23.11 -10.10 -10.62
N VAL A 51 -23.56 -9.22 -9.74
CA VAL A 51 -22.67 -8.34 -8.99
C VAL A 51 -23.16 -8.24 -7.55
N ASP A 52 -22.40 -7.51 -6.73
CA ASP A 52 -22.72 -7.35 -5.32
C ASP A 52 -24.09 -6.68 -5.15
N HIS A 53 -24.77 -7.06 -4.07
CA HIS A 53 -26.14 -6.59 -3.86
C HIS A 53 -26.23 -5.07 -3.80
N LYS A 54 -25.15 -4.40 -3.38
CA LYS A 54 -25.19 -2.95 -3.24
C LYS A 54 -25.36 -2.25 -4.58
N PHE A 55 -25.08 -2.92 -5.69
CA PHE A 55 -25.23 -2.35 -7.02
C PHE A 55 -26.31 -3.05 -7.83
N SER A 56 -27.23 -3.75 -7.17
CA SER A 56 -28.24 -4.52 -7.89
C SER A 56 -29.05 -3.65 -8.83
N ARG A 57 -29.54 -2.51 -8.34
CA ARG A 57 -30.32 -1.60 -9.18
C ARG A 57 -29.53 -1.18 -10.42
N GLU A 58 -28.30 -0.70 -10.23
CA GLU A 58 -27.48 -0.30 -11.37
C GLU A 58 -27.21 -1.47 -12.31
N PHE A 59 -27.02 -2.67 -11.75
CA PHE A 59 -26.71 -3.82 -12.58
C PHE A 59 -27.86 -4.13 -13.55
N VAL A 60 -29.09 -4.18 -13.03
CA VAL A 60 -30.22 -4.53 -13.87
C VAL A 60 -30.51 -3.43 -14.90
N GLN A 61 -30.32 -2.17 -14.50
CA GLN A 61 -30.52 -1.08 -15.45
C GLN A 61 -29.45 -1.11 -16.54
N ASN A 62 -28.18 -1.21 -16.14
CA ASN A 62 -27.12 -1.33 -17.14
C ASN A 62 -27.38 -2.51 -18.08
N LEU A 63 -27.81 -3.65 -17.52
CA LEU A 63 -28.09 -4.81 -18.36
C LEU A 63 -29.15 -4.50 -19.40
N ARG A 64 -30.21 -3.78 -19.00
CA ARG A 64 -31.23 -3.36 -19.96
C ARG A 64 -30.62 -2.53 -21.08
N ASN A 65 -29.62 -1.70 -20.74
CA ASN A 65 -28.96 -0.91 -21.78
C ASN A 65 -28.28 -1.80 -22.81
N GLU A 66 -27.92 -3.03 -22.42
CA GLU A 66 -27.16 -3.89 -23.31
C GLU A 66 -28.05 -4.86 -24.07
N ILE A 67 -29.16 -5.30 -23.47
CA ILE A 67 -30.00 -6.33 -24.06
C ILE A 67 -31.39 -6.21 -23.47
N ASP A 68 -32.39 -6.56 -24.26
CA ASP A 68 -33.72 -6.76 -23.71
C ASP A 68 -33.68 -7.97 -22.78
N LEU A 69 -34.05 -7.74 -21.50
CA LEU A 69 -33.88 -8.79 -20.50
C LEU A 69 -34.58 -10.09 -20.91
N ALA A 70 -35.73 -9.98 -21.57
CA ALA A 70 -36.43 -11.19 -22.00
C ALA A 70 -35.63 -11.99 -23.01
N ASP A 71 -34.61 -11.39 -23.62
CA ASP A 71 -33.77 -12.08 -24.58
C ASP A 71 -32.65 -12.90 -23.94
N ILE A 72 -32.49 -12.80 -22.62
CA ILE A 72 -31.51 -13.64 -21.92
C ILE A 72 -32.06 -15.06 -21.85
N ASP A 73 -31.28 -16.01 -22.37
CA ASP A 73 -31.71 -17.40 -22.41
C ASP A 73 -31.33 -18.16 -21.14
N TYR A 74 -30.06 -18.11 -20.76
CA TYR A 74 -29.58 -18.85 -19.61
C TYR A 74 -28.81 -17.92 -18.68
N ILE A 75 -28.87 -18.21 -17.39
CA ILE A 75 -28.07 -17.54 -16.37
C ILE A 75 -27.18 -18.59 -15.72
N VAL A 76 -25.88 -18.28 -15.63
CA VAL A 76 -24.92 -19.16 -14.97
C VAL A 76 -24.48 -18.50 -13.68
N ILE A 77 -24.59 -19.23 -12.56
CA ILE A 77 -24.10 -18.77 -11.28
C ILE A 77 -22.95 -19.70 -10.89
N ASN A 78 -21.72 -19.21 -11.04
CA ASN A 78 -20.55 -19.99 -10.63
C ASN A 78 -20.44 -20.10 -9.11
N HIS A 79 -21.07 -19.20 -8.38
CA HIS A 79 -20.75 -18.97 -6.98
C HIS A 79 -21.79 -18.00 -6.43
N ALA A 80 -22.46 -18.37 -5.34
CA ALA A 80 -23.62 -17.64 -4.87
C ALA A 80 -23.31 -16.70 -3.71
N GLU A 81 -22.04 -16.42 -3.45
CA GLU A 81 -21.71 -15.39 -2.48
C GLU A 81 -22.31 -14.06 -2.93
N GLU A 82 -22.72 -13.24 -1.96
CA GLU A 82 -23.50 -12.05 -2.26
C GLU A 82 -22.77 -11.06 -3.15
N ASP A 83 -21.43 -11.08 -3.18
CA ASP A 83 -20.72 -10.14 -4.03
C ASP A 83 -20.81 -10.52 -5.50
N HIS A 84 -21.34 -11.68 -5.83
CA HIS A 84 -21.53 -12.10 -7.21
C HIS A 84 -22.97 -12.44 -7.56
N ALA A 85 -23.74 -12.99 -6.63
CA ALA A 85 -25.15 -13.28 -6.86
C ALA A 85 -26.07 -12.30 -6.13
N GLY A 86 -25.53 -11.21 -5.58
CA GLY A 86 -26.34 -10.29 -4.80
C GLY A 86 -27.46 -9.64 -5.59
N ALA A 87 -27.27 -9.46 -6.90
CA ALA A 87 -28.27 -8.80 -7.73
C ALA A 87 -29.29 -9.76 -8.31
N LEU A 88 -29.22 -11.05 -7.95
CA LEU A 88 -30.03 -12.06 -8.63
C LEU A 88 -31.52 -11.86 -8.35
N THR A 89 -31.89 -11.55 -7.11
CA THR A 89 -33.30 -11.36 -6.79
C THR A 89 -33.92 -10.27 -7.66
N GLU A 90 -33.23 -9.13 -7.78
CA GLU A 90 -33.77 -8.05 -8.60
C GLU A 90 -33.86 -8.46 -10.05
N LEU A 91 -32.87 -9.21 -10.55
CA LEU A 91 -32.92 -9.66 -11.93
C LEU A 91 -34.07 -10.64 -12.14
N MET A 92 -34.19 -11.65 -11.27
CA MET A 92 -35.21 -12.67 -11.43
C MET A 92 -36.63 -12.12 -11.26
N ALA A 93 -36.78 -10.99 -10.54
CA ALA A 93 -38.07 -10.34 -10.49
C ALA A 93 -38.54 -9.89 -11.86
N GLN A 94 -37.61 -9.59 -12.76
CA GLN A 94 -37.94 -9.16 -14.11
C GLN A 94 -38.13 -10.33 -15.06
N ILE A 95 -37.29 -11.35 -14.97
CA ILE A 95 -37.34 -12.50 -15.87
C ILE A 95 -37.38 -13.78 -15.03
N PRO A 96 -38.47 -14.05 -14.32
CA PRO A 96 -38.46 -15.16 -13.34
C PRO A 96 -38.45 -16.56 -13.96
N ASP A 97 -38.72 -16.69 -15.24
CA ASP A 97 -38.75 -18.00 -15.89
C ASP A 97 -37.39 -18.41 -16.45
N THR A 98 -36.41 -17.53 -16.40
CA THR A 98 -35.11 -17.83 -17.00
C THR A 98 -34.40 -18.92 -16.21
N PRO A 99 -33.88 -19.95 -16.86
CA PRO A 99 -33.21 -21.02 -16.12
C PRO A 99 -31.88 -20.57 -15.55
N ILE A 100 -31.53 -21.15 -14.40
CA ILE A 100 -30.27 -20.89 -13.72
C ILE A 100 -29.46 -22.18 -13.75
N TYR A 101 -28.23 -22.08 -14.22
CA TYR A 101 -27.30 -23.22 -14.27
C TYR A 101 -26.26 -23.05 -13.18
N CYS A 102 -26.20 -24.03 -12.28
CA CYS A 102 -25.33 -23.94 -11.12
C CYS A 102 -25.10 -25.34 -10.56
N THR A 103 -24.20 -25.42 -9.59
CA THR A 103 -23.94 -26.70 -8.94
C THR A 103 -25.09 -27.07 -8.03
N ALA A 104 -25.15 -28.35 -7.67
CA ALA A 104 -26.14 -28.80 -6.70
C ALA A 104 -26.02 -27.99 -5.41
N ASN A 105 -24.79 -27.82 -4.92
CA ASN A 105 -24.58 -27.02 -3.70
C ASN A 105 -25.05 -25.58 -3.88
N ALA A 106 -24.98 -25.04 -5.10
CA ALA A 106 -25.41 -23.66 -5.32
C ALA A 106 -26.91 -23.48 -5.13
N ILE A 107 -27.70 -24.53 -5.38
CA ILE A 107 -29.12 -24.44 -5.06
C ILE A 107 -29.30 -24.13 -3.58
N ASP A 108 -28.53 -24.80 -2.74
CA ASP A 108 -28.59 -24.55 -1.30
C ASP A 108 -28.15 -23.12 -0.97
N SER A 109 -27.06 -22.66 -1.58
CA SER A 109 -26.53 -21.33 -1.26
C SER A 109 -27.35 -20.22 -1.90
N ILE A 110 -27.82 -20.41 -3.13
CA ILE A 110 -28.69 -19.42 -3.75
C ILE A 110 -29.99 -19.29 -2.96
N ASN A 111 -30.65 -20.42 -2.71
CA ASN A 111 -31.87 -20.39 -1.91
C ASN A 111 -31.61 -19.85 -0.52
N GLY A 112 -30.46 -20.20 0.06
CA GLY A 112 -30.17 -19.74 1.41
C GLY A 112 -30.16 -18.23 1.54
N HIS A 113 -29.70 -17.53 0.49
CA HIS A 113 -29.66 -16.07 0.50
C HIS A 113 -30.95 -15.44 -0.04
N HIS A 114 -31.49 -15.99 -1.13
CA HIS A 114 -32.55 -15.31 -1.87
C HIS A 114 -33.95 -15.79 -1.54
N HIS A 115 -34.10 -17.01 -1.02
CA HIS A 115 -35.40 -17.51 -0.57
C HIS A 115 -36.40 -17.67 -1.72
N HIS A 116 -35.92 -17.98 -2.93
CA HIS A 116 -36.79 -18.16 -4.09
C HIS A 116 -36.57 -19.55 -4.68
N PRO A 117 -36.92 -20.60 -3.94
CA PRO A 117 -36.71 -21.97 -4.46
C PRO A 117 -37.49 -22.26 -5.73
N GLU A 118 -38.53 -21.48 -6.02
CA GLU A 118 -39.33 -21.71 -7.22
C GLU A 118 -38.58 -21.40 -8.50
N TRP A 119 -37.44 -20.72 -8.40
CA TRP A 119 -36.64 -20.47 -9.59
C TRP A 119 -36.29 -21.78 -10.28
N ASN A 120 -35.98 -21.68 -11.57
CA ASN A 120 -35.76 -22.84 -12.44
C ASN A 120 -34.28 -23.18 -12.46
N PHE A 121 -33.87 -24.03 -11.50
CA PHE A 121 -32.48 -24.41 -11.35
C PHE A 121 -32.13 -25.62 -12.21
N ASN A 122 -30.94 -25.60 -12.80
CA ASN A 122 -30.38 -26.71 -13.56
C ASN A 122 -29.05 -27.11 -12.96
N VAL A 123 -29.02 -28.23 -12.25
CA VAL A 123 -27.78 -28.69 -11.63
C VAL A 123 -26.82 -29.15 -12.72
N VAL A 124 -25.57 -28.69 -12.63
CA VAL A 124 -24.52 -29.08 -13.57
C VAL A 124 -23.40 -29.76 -12.80
N LYS A 125 -22.77 -30.75 -13.44
CA LYS A 125 -21.60 -31.42 -12.91
C LYS A 125 -20.45 -31.25 -13.88
N THR A 126 -19.24 -31.51 -13.40
CA THR A 126 -18.06 -31.37 -14.24
C THR A 126 -18.22 -32.17 -15.53
N GLY A 127 -18.01 -31.48 -16.66
CA GLY A 127 -18.12 -32.08 -17.97
C GLY A 127 -19.44 -31.86 -18.66
N ASP A 128 -20.48 -31.43 -17.93
CA ASP A 128 -21.73 -31.08 -18.59
C ASP A 128 -21.50 -29.92 -19.53
N THR A 129 -22.29 -29.87 -20.60
CA THR A 129 -22.13 -28.86 -21.63
C THR A 129 -23.45 -28.14 -21.86
N LEU A 130 -23.34 -26.92 -22.36
CA LEU A 130 -24.49 -26.10 -22.70
C LEU A 130 -24.18 -25.45 -24.04
N ASP A 131 -24.90 -25.87 -25.08
CA ASP A 131 -24.69 -25.29 -26.40
C ASP A 131 -25.32 -23.92 -26.49
N ILE A 132 -24.59 -22.98 -27.08
CA ILE A 132 -25.09 -21.62 -27.27
C ILE A 132 -25.08 -21.21 -28.73
N GLY A 133 -24.88 -22.16 -29.64
CA GLY A 133 -24.95 -21.88 -31.06
C GLY A 133 -23.62 -21.50 -31.66
N ASN A 134 -23.63 -21.35 -32.98
CA ASN A 134 -22.44 -20.94 -33.73
C ASN A 134 -21.24 -21.81 -33.39
N GLY A 135 -21.49 -23.09 -33.11
CA GLY A 135 -20.43 -24.03 -32.83
C GLY A 135 -19.76 -23.86 -31.48
N LYS A 136 -20.28 -23.00 -30.61
CA LYS A 136 -19.70 -22.78 -29.30
C LYS A 136 -20.57 -23.40 -28.22
N GLN A 137 -19.94 -23.78 -27.11
CA GLN A 137 -20.67 -24.38 -26.00
C GLN A 137 -19.96 -24.04 -24.69
N LEU A 138 -20.73 -24.09 -23.61
CA LEU A 138 -20.18 -23.93 -22.27
C LEU A 138 -19.89 -25.30 -21.67
N ILE A 139 -18.75 -25.41 -21.00
CA ILE A 139 -18.38 -26.61 -20.25
C ILE A 139 -18.21 -26.21 -18.79
N PHE A 140 -18.87 -26.94 -17.90
CA PHE A 140 -18.87 -26.62 -16.48
C PHE A 140 -17.85 -27.49 -15.74
N VAL A 141 -17.22 -26.91 -14.73
CA VAL A 141 -16.20 -27.60 -13.94
C VAL A 141 -16.49 -27.31 -12.47
N GLU A 142 -16.88 -28.34 -11.73
CA GLU A 142 -17.11 -28.20 -10.29
C GLU A 142 -15.79 -27.97 -9.57
N THR A 143 -15.75 -26.97 -8.69
CA THR A 143 -14.58 -26.65 -7.88
C THR A 143 -15.00 -26.49 -6.42
N PRO A 144 -15.54 -27.54 -5.82
CA PRO A 144 -16.05 -27.42 -4.45
C PRO A 144 -14.95 -27.02 -3.49
N MET A 145 -15.30 -26.12 -2.55
CA MET A 145 -14.37 -25.60 -1.54
C MET A 145 -13.22 -24.82 -2.16
N LEU A 146 -13.45 -24.25 -3.34
CA LEU A 146 -12.52 -23.30 -3.97
C LEU A 146 -13.33 -22.09 -4.42
N HIS A 147 -13.84 -21.32 -3.46
CA HIS A 147 -13.57 -21.53 -2.04
C HIS A 147 -14.81 -21.94 -1.25
N TRP A 148 -15.95 -22.08 -1.94
CA TRP A 148 -17.20 -22.48 -1.30
C TRP A 148 -17.67 -23.83 -1.81
N PRO A 149 -18.54 -24.49 -1.06
CA PRO A 149 -19.12 -25.75 -1.56
C PRO A 149 -19.78 -25.62 -2.93
N ASP A 150 -20.32 -24.45 -3.26
CA ASP A 150 -21.06 -24.23 -4.50
C ASP A 150 -20.19 -23.80 -5.67
N SER A 151 -18.89 -23.61 -5.45
CA SER A 151 -18.04 -22.99 -6.46
C SER A 151 -17.89 -23.87 -7.70
N MET A 152 -17.90 -23.22 -8.86
CA MET A 152 -17.60 -23.90 -10.12
C MET A 152 -16.99 -22.90 -11.09
N MET A 153 -16.51 -23.41 -12.22
CA MET A 153 -16.02 -22.59 -13.31
C MET A 153 -16.76 -22.97 -14.59
N THR A 154 -16.80 -22.03 -15.53
CA THR A 154 -17.47 -22.23 -16.81
C THR A 154 -16.50 -21.89 -17.94
N TYR A 155 -16.31 -22.84 -18.85
CA TYR A 155 -15.42 -22.67 -19.99
C TYR A 155 -16.22 -22.54 -21.28
N LEU A 156 -15.82 -21.58 -22.11
CA LEU A 156 -16.49 -21.28 -23.38
C LEU A 156 -15.57 -21.73 -24.52
N THR A 157 -16.00 -22.74 -25.27
CA THR A 157 -15.17 -23.26 -26.34
C THR A 157 -15.09 -22.27 -27.50
N GLY A 158 -14.11 -22.49 -28.38
CA GLY A 158 -13.86 -21.59 -29.49
C GLY A 158 -13.18 -20.31 -29.05
N ASP A 159 -13.91 -19.48 -28.31
CA ASP A 159 -13.29 -18.30 -27.69
C ASP A 159 -12.26 -18.69 -26.64
N ALA A 160 -12.39 -19.90 -26.07
CA ALA A 160 -11.42 -20.40 -25.10
C ALA A 160 -11.26 -19.45 -23.92
N VAL A 161 -12.38 -19.11 -23.29
CA VAL A 161 -12.40 -18.24 -22.13
C VAL A 161 -12.84 -19.06 -20.92
N LEU A 162 -12.05 -19.00 -19.86
CA LEU A 162 -12.35 -19.70 -18.60
C LEU A 162 -12.94 -18.69 -17.62
N PHE A 163 -14.24 -18.75 -17.42
CA PHE A 163 -14.93 -17.92 -16.43
C PHE A 163 -14.73 -18.58 -15.07
N SER A 164 -13.67 -18.16 -14.38
CA SER A 164 -13.21 -18.83 -13.17
C SER A 164 -13.83 -18.30 -11.89
N ASN A 165 -14.60 -17.21 -11.95
CA ASN A 165 -15.21 -16.58 -10.77
C ASN A 165 -14.07 -16.21 -9.81
N ASP A 166 -14.15 -16.57 -8.52
CA ASP A 166 -13.17 -16.07 -7.54
C ASP A 166 -11.75 -16.51 -7.88
N ALA A 167 -11.58 -17.75 -8.34
CA ALA A 167 -10.26 -18.28 -8.58
C ALA A 167 -9.49 -17.41 -9.57
N PHE A 168 -8.24 -17.08 -9.22
CA PHE A 168 -7.32 -16.28 -10.02
C PHE A 168 -7.70 -14.80 -10.06
N GLY A 169 -8.77 -14.39 -9.38
CA GLY A 169 -9.13 -13.00 -9.30
C GLY A 169 -8.33 -12.26 -8.25
N GLN A 170 -8.66 -10.98 -8.09
CA GLN A 170 -8.02 -10.17 -7.07
C GLN A 170 -8.84 -8.90 -6.91
N HIS A 171 -8.77 -8.31 -5.72
CA HIS A 171 -9.47 -7.07 -5.44
C HIS A 171 -8.60 -5.92 -5.94
N TYR A 172 -8.89 -5.46 -7.16
CA TYR A 172 -8.12 -4.40 -7.78
C TYR A 172 -9.04 -3.72 -8.77
N CYS A 173 -9.18 -2.40 -8.65
CA CYS A 173 -10.10 -1.63 -9.47
C CYS A 173 -9.32 -0.78 -10.45
N ASP A 174 -9.73 -0.82 -11.72
CA ASP A 174 -9.11 -0.06 -12.78
C ASP A 174 -10.13 0.09 -13.91
N GLU A 175 -10.09 1.25 -14.58
CA GLU A 175 -10.99 1.44 -15.71
C GLU A 175 -10.66 0.52 -16.87
N HIS A 176 -9.41 0.04 -16.96
CA HIS A 176 -9.02 -0.89 -18.01
C HIS A 176 -9.26 -2.33 -17.55
N LEU A 177 -9.57 -3.19 -18.52
CA LEU A 177 -10.08 -4.53 -18.24
C LEU A 177 -9.02 -5.61 -18.19
N PHE A 178 -7.94 -5.49 -18.95
CA PHE A 178 -7.04 -6.62 -19.18
C PHE A 178 -5.75 -6.48 -18.39
N ASN A 179 -5.17 -7.63 -18.03
CA ASN A 179 -3.99 -7.65 -17.17
C ASN A 179 -2.82 -6.89 -17.78
N ASP A 180 -2.68 -6.93 -19.10
CA ASP A 180 -1.60 -6.19 -19.73
C ASP A 180 -1.83 -4.69 -19.75
N GLU A 181 -3.00 -4.22 -19.31
CA GLU A 181 -3.33 -2.81 -19.33
C GLU A 181 -3.18 -2.12 -17.98
N VAL A 182 -2.76 -2.83 -16.93
CA VAL A 182 -2.73 -2.27 -15.59
C VAL A 182 -1.30 -2.31 -15.07
N ASP A 183 -1.09 -1.64 -13.93
CA ASP A 183 0.19 -1.66 -13.26
C ASP A 183 0.47 -3.05 -12.70
N GLN A 184 1.59 -3.64 -13.11
CA GLN A 184 1.86 -5.04 -12.77
C GLN A 184 2.18 -5.21 -11.29
N THR A 185 2.95 -4.28 -10.71
CA THR A 185 3.24 -4.35 -9.29
C THR A 185 1.95 -4.38 -8.47
N GLU A 186 1.09 -3.38 -8.68
CA GLU A 186 -0.18 -3.36 -7.98
C GLU A 186 -0.96 -4.66 -8.22
N LEU A 187 -0.91 -5.18 -9.45
CA LEU A 187 -1.69 -6.36 -9.79
C LEU A 187 -1.21 -7.58 -9.00
N PHE A 188 0.10 -7.85 -9.04
CA PHE A 188 0.65 -9.00 -8.31
C PHE A 188 0.39 -8.88 -6.82
N GLU A 189 0.65 -7.69 -6.26
CA GLU A 189 0.42 -7.47 -4.84
C GLU A 189 -1.00 -7.85 -4.44
N GLN A 190 -1.97 -7.44 -5.24
CA GLN A 190 -3.37 -7.75 -4.91
C GLN A 190 -3.65 -9.24 -5.13
N CYS A 191 -3.05 -9.83 -6.16
CA CYS A 191 -3.20 -11.26 -6.39
C CYS A 191 -2.72 -12.07 -5.19
N GLN A 192 -1.50 -11.79 -4.72
CA GLN A 192 -0.95 -12.53 -3.59
C GLN A 192 -1.72 -12.24 -2.31
N ARG A 193 -2.07 -10.98 -2.07
CA ARG A 193 -2.90 -10.66 -0.92
C ARG A 193 -4.17 -11.48 -0.92
N TYR A 194 -4.77 -11.66 -2.10
CA TYR A 194 -6.01 -12.43 -2.21
C TYR A 194 -5.80 -13.90 -1.87
N TYR A 195 -4.82 -14.54 -2.50
CA TYR A 195 -4.57 -15.95 -2.22
C TYR A 195 -4.22 -16.16 -0.74
N ALA A 196 -3.30 -15.36 -0.22
CA ALA A 196 -2.83 -15.55 1.14
C ALA A 196 -3.98 -15.49 2.14
N ASN A 197 -4.87 -14.51 1.98
CA ASN A 197 -5.89 -14.23 2.98
C ASN A 197 -7.17 -15.05 2.79
N ILE A 198 -7.36 -15.69 1.63
CA ILE A 198 -8.61 -16.36 1.31
C ILE A 198 -8.38 -17.85 1.02
N LEU A 199 -7.38 -18.16 0.20
CA LEU A 199 -7.26 -19.49 -0.38
C LEU A 199 -6.26 -20.39 0.31
N THR A 200 -5.41 -19.87 1.20
CA THR A 200 -4.40 -20.69 1.85
C THR A 200 -4.96 -21.98 2.45
N PRO A 201 -6.07 -21.96 3.22
CA PRO A 201 -6.55 -23.22 3.82
C PRO A 201 -6.99 -24.26 2.80
N PHE A 202 -7.26 -23.85 1.56
CA PHE A 202 -7.71 -24.78 0.53
C PHE A 202 -6.58 -25.16 -0.42
N SER A 203 -5.34 -24.84 -0.08
CA SER A 203 -4.23 -25.08 -1.01
C SER A 203 -4.14 -26.55 -1.41
N ARG A 204 -4.46 -27.46 -0.49
CA ARG A 204 -4.40 -28.88 -0.83
C ARG A 204 -5.38 -29.25 -1.93
N LEU A 205 -6.45 -28.47 -2.11
CA LEU A 205 -7.40 -28.68 -3.19
C LEU A 205 -7.02 -27.93 -4.46
N VAL A 206 -6.15 -26.92 -4.37
CA VAL A 206 -5.81 -26.11 -5.53
C VAL A 206 -5.11 -26.93 -6.59
N THR A 207 -4.01 -27.58 -6.20
CA THR A 207 -3.22 -28.32 -7.19
C THR A 207 -4.01 -29.43 -7.87
N PRO A 208 -4.67 -30.35 -7.15
CA PRO A 208 -5.40 -31.42 -7.84
C PRO A 208 -6.43 -30.88 -8.83
N LYS A 209 -7.15 -29.82 -8.46
CA LYS A 209 -8.17 -29.29 -9.37
C LYS A 209 -7.53 -28.67 -10.60
N ILE A 210 -6.45 -27.91 -10.41
CA ILE A 210 -5.75 -27.33 -11.56
C ILE A 210 -5.22 -28.44 -12.46
N THR A 211 -4.61 -29.46 -11.85
CA THR A 211 -4.21 -30.64 -12.61
C THR A 211 -5.37 -31.21 -13.41
N GLU A 212 -6.51 -31.44 -12.74
CA GLU A 212 -7.68 -32.00 -13.41
C GLU A 212 -8.10 -31.14 -14.60
N ILE A 213 -8.19 -29.82 -14.38
CA ILE A 213 -8.62 -28.92 -15.44
C ILE A 213 -7.66 -28.98 -16.63
N LEU A 214 -6.35 -28.89 -16.35
CA LEU A 214 -5.36 -29.02 -17.42
C LEU A 214 -5.50 -30.35 -18.14
N GLY A 215 -5.87 -31.41 -17.42
CA GLY A 215 -6.05 -32.71 -18.06
C GLY A 215 -7.18 -32.72 -19.05
N PHE A 216 -8.04 -31.70 -19.04
CA PHE A 216 -9.06 -31.62 -20.07
C PHE A 216 -8.52 -31.15 -21.42
N ASN A 217 -7.29 -30.66 -21.45
CA ASN A 217 -6.64 -30.24 -22.70
C ASN A 217 -7.43 -29.16 -23.42
N LEU A 218 -8.12 -28.33 -22.66
CA LEU A 218 -8.83 -27.19 -23.24
C LEU A 218 -7.88 -26.00 -23.39
N PRO A 219 -7.81 -25.40 -24.57
CA PRO A 219 -6.99 -24.19 -24.73
C PRO A 219 -7.59 -23.04 -23.94
N VAL A 220 -6.73 -22.09 -23.58
CA VAL A 220 -7.14 -20.94 -22.78
C VAL A 220 -6.57 -19.70 -23.46
N ASP A 221 -7.45 -18.86 -24.00
CA ASP A 221 -7.02 -17.57 -24.50
C ASP A 221 -7.15 -16.49 -23.43
N MET A 222 -8.19 -16.56 -22.60
CA MET A 222 -8.41 -15.62 -21.53
C MET A 222 -8.98 -16.34 -20.31
N ILE A 223 -8.71 -15.79 -19.14
CA ILE A 223 -9.31 -16.22 -17.89
C ILE A 223 -10.09 -15.01 -17.35
N ALA A 224 -11.41 -15.10 -17.39
CA ALA A 224 -12.28 -14.01 -16.98
C ALA A 224 -12.78 -14.31 -15.57
N THR A 225 -12.16 -13.69 -14.57
CA THR A 225 -12.49 -13.91 -13.18
C THR A 225 -13.69 -13.05 -12.76
N SER A 226 -14.06 -13.16 -11.49
CA SER A 226 -15.16 -12.38 -10.94
C SER A 226 -14.69 -11.11 -10.23
N HIS A 227 -13.37 -10.93 -10.04
CA HIS A 227 -12.80 -9.76 -9.41
C HIS A 227 -11.55 -9.34 -10.17
N GLY A 228 -11.47 -8.08 -10.57
CA GLY A 228 -10.23 -7.57 -11.12
C GLY A 228 -10.08 -7.74 -12.62
N VAL A 229 -8.84 -7.91 -13.08
CA VAL A 229 -8.58 -7.89 -14.53
C VAL A 229 -9.05 -9.18 -15.18
N VAL A 230 -9.24 -9.12 -16.49
CA VAL A 230 -9.32 -10.30 -17.32
C VAL A 230 -7.91 -10.64 -17.77
N TRP A 231 -7.49 -11.88 -17.53
CA TRP A 231 -6.19 -12.36 -17.95
C TRP A 231 -6.27 -12.69 -19.44
N ARG A 232 -5.54 -11.93 -20.27
CA ARG A 232 -5.54 -12.23 -21.70
C ARG A 232 -4.11 -12.40 -22.23
N ASP A 233 -3.14 -11.74 -21.60
CA ASP A 233 -1.74 -11.79 -22.04
C ASP A 233 -0.99 -12.78 -21.16
N ASN A 234 -0.48 -13.84 -21.77
CA ASN A 234 0.09 -14.97 -21.03
C ASN A 234 -0.84 -15.31 -19.87
N PRO A 235 -2.10 -15.66 -20.17
CA PRO A 235 -3.11 -15.74 -19.09
C PRO A 235 -2.79 -16.79 -18.03
N THR A 236 -2.09 -17.86 -18.39
CA THR A 236 -1.84 -18.91 -17.41
C THR A 236 -0.80 -18.51 -16.37
N GLN A 237 -0.26 -17.29 -16.45
CA GLN A 237 0.71 -16.85 -15.45
C GLN A 237 0.11 -16.89 -14.05
N ILE A 238 -1.18 -16.56 -13.93
CA ILE A 238 -1.81 -16.59 -12.62
C ILE A 238 -2.06 -18.02 -12.18
N VAL A 239 -2.21 -18.95 -13.13
CA VAL A 239 -2.36 -20.36 -12.78
C VAL A 239 -1.07 -20.89 -12.19
N GLU A 240 0.06 -20.58 -12.83
CA GLU A 240 1.35 -21.02 -12.31
C GLU A 240 1.62 -20.44 -10.93
N LEU A 241 1.30 -19.16 -10.72
CA LEU A 241 1.41 -18.58 -9.39
C LEU A 241 0.61 -19.39 -8.38
N TYR A 242 -0.64 -19.74 -8.72
CA TYR A 242 -1.46 -20.53 -7.81
C TYR A 242 -0.83 -21.88 -7.52
N LEU A 243 -0.20 -22.50 -8.53
CA LEU A 243 0.50 -23.76 -8.29
C LEU A 243 1.66 -23.55 -7.32
N LYS A 244 2.39 -22.45 -7.45
CA LYS A 244 3.47 -22.18 -6.51
C LYS A 244 2.93 -21.80 -5.14
N TRP A 245 1.95 -20.91 -5.11
CA TRP A 245 1.41 -20.45 -3.83
C TRP A 245 0.77 -21.59 -3.04
N ALA A 246 0.21 -22.58 -3.75
CA ALA A 246 -0.49 -23.68 -3.09
C ALA A 246 0.45 -24.69 -2.45
N ALA A 247 1.70 -24.77 -2.88
CA ALA A 247 2.62 -25.80 -2.40
C ALA A 247 3.31 -25.37 -1.10
N ASP A 248 2.49 -25.11 -0.08
CA ASP A 248 2.98 -24.67 1.22
C ASP A 248 4.06 -23.61 1.04
N TYR A 249 3.69 -22.57 0.28
CA TYR A 249 4.65 -21.58 -0.18
C TYR A 249 5.38 -20.91 0.99
N GLN A 250 6.66 -20.64 0.79
CA GLN A 250 7.42 -19.87 1.76
C GLN A 250 8.69 -19.34 1.11
N GLU A 251 9.05 -18.13 1.45
CA GLU A 251 10.33 -17.53 1.08
C GLU A 251 11.24 -17.53 2.30
N ASP A 252 12.52 -17.20 2.08
CA ASP A 252 13.44 -17.07 3.21
C ASP A 252 13.15 -15.74 3.89
N ARG A 253 12.12 -15.77 4.74
CA ARG A 253 11.49 -14.58 5.27
C ARG A 253 10.89 -14.90 6.63
N ILE A 254 11.04 -13.98 7.57
CA ILE A 254 10.52 -14.13 8.93
C ILE A 254 9.70 -12.90 9.27
N THR A 255 8.45 -13.11 9.70
CA THR A 255 7.57 -12.02 10.10
C THR A 255 7.47 -11.98 11.61
N ILE A 256 7.61 -10.79 12.17
CA ILE A 256 7.47 -10.55 13.61
C ILE A 256 6.30 -9.60 13.81
N PHE A 257 5.33 -10.02 14.60
CA PHE A 257 4.25 -9.11 14.96
C PHE A 257 3.88 -9.33 16.42
N TYR A 258 3.30 -8.29 17.01
CA TYR A 258 3.11 -8.22 18.45
C TYR A 258 2.09 -7.14 18.73
N ASP A 259 1.59 -7.14 19.96
CA ASP A 259 0.91 -5.99 20.53
C ASP A 259 1.61 -5.65 21.83
N THR A 260 1.53 -4.37 22.22
CA THR A 260 2.30 -3.90 23.36
C THR A 260 1.55 -2.73 24.00
N MET A 261 1.70 -2.61 25.31
CA MET A 261 1.08 -1.52 26.06
C MET A 261 2.05 -0.43 26.45
N TYR A 262 3.32 -0.77 26.68
CA TYR A 262 4.32 0.21 27.09
C TYR A 262 5.62 0.07 26.30
N ASN A 263 5.58 -0.63 25.16
CA ASN A 263 6.65 -0.76 24.20
C ASN A 263 7.73 -1.76 24.64
N ASN A 264 7.56 -2.43 25.78
CA ASN A 264 8.57 -3.39 26.21
C ASN A 264 8.65 -4.56 25.26
N THR A 265 7.50 -5.17 24.94
CA THR A 265 7.48 -6.24 23.94
C THR A 265 7.98 -5.74 22.60
N ARG A 266 7.75 -4.46 22.28
CA ARG A 266 8.28 -3.88 21.05
C ARG A 266 9.79 -3.85 21.07
N MET A 267 10.39 -3.46 22.21
CA MET A 267 11.85 -3.47 22.32
C MET A 267 12.39 -4.87 22.11
N MET A 268 11.71 -5.90 22.62
CA MET A 268 12.14 -7.27 22.40
C MET A 268 12.08 -7.62 20.92
N ALA A 269 10.98 -7.26 20.25
CA ALA A 269 10.83 -7.57 18.84
C ALA A 269 11.99 -6.98 18.02
N ASP A 270 12.40 -5.76 18.35
CA ASP A 270 13.47 -5.10 17.60
C ASP A 270 14.81 -5.79 17.84
N ALA A 271 15.06 -6.22 19.08
CA ALA A 271 16.31 -6.92 19.38
C ALA A 271 16.34 -8.30 18.72
N ILE A 272 15.21 -9.00 18.72
CA ILE A 272 15.12 -10.26 17.99
C ILE A 272 15.49 -10.05 16.53
N ALA A 273 14.89 -9.03 15.90
CA ALA A 273 15.14 -8.77 14.49
C ALA A 273 16.61 -8.49 14.22
N GLN A 274 17.27 -7.72 15.10
CA GLN A 274 18.70 -7.48 14.94
C GLN A 274 19.47 -8.78 14.97
N GLY A 275 19.18 -9.63 15.96
CA GLY A 275 19.89 -10.91 16.06
C GLY A 275 19.72 -11.76 14.81
N ILE A 276 18.53 -11.75 14.23
CA ILE A 276 18.31 -12.49 12.98
C ILE A 276 19.14 -11.89 11.86
N ALA A 277 18.99 -10.58 11.62
CA ALA A 277 19.61 -9.96 10.47
C ALA A 277 21.13 -10.08 10.48
N GLU A 278 21.73 -10.10 11.66
CA GLU A 278 23.17 -10.20 11.77
C GLU A 278 23.68 -11.64 11.76
N THR A 279 22.80 -12.62 11.99
CA THR A 279 23.17 -14.03 11.94
C THR A 279 22.92 -14.67 10.58
N ASP A 280 21.81 -14.35 9.92
CA ASP A 280 21.52 -14.86 8.58
C ASP A 280 21.09 -13.70 7.69
N PRO A 281 21.98 -13.21 6.82
CA PRO A 281 21.62 -12.06 5.97
C PRO A 281 20.71 -12.41 4.82
N ARG A 282 20.42 -13.70 4.61
CA ARG A 282 19.51 -14.15 3.56
C ARG A 282 18.05 -13.93 3.91
N VAL A 283 17.73 -13.68 5.18
CA VAL A 283 16.36 -13.65 5.66
C VAL A 283 15.82 -12.23 5.54
N ALA A 284 14.70 -12.08 4.85
CA ALA A 284 13.95 -10.83 4.89
C ALA A 284 13.11 -10.79 6.15
N VAL A 285 13.12 -9.66 6.84
CA VAL A 285 12.44 -9.50 8.13
C VAL A 285 11.47 -8.34 8.03
N LYS A 286 10.23 -8.58 8.45
CA LYS A 286 9.22 -7.54 8.59
C LYS A 286 8.69 -7.57 10.01
N ILE A 287 8.47 -6.39 10.58
CA ILE A 287 7.94 -6.25 11.93
C ILE A 287 6.66 -5.43 11.87
N PHE A 288 5.62 -5.90 12.56
CA PHE A 288 4.33 -5.23 12.59
C PHE A 288 3.80 -5.17 14.01
N ASN A 289 3.31 -4.01 14.41
CA ASN A 289 2.48 -3.88 15.61
C ASN A 289 1.04 -4.12 15.18
N VAL A 290 0.42 -5.17 15.73
CA VAL A 290 -0.89 -5.58 15.22
C VAL A 290 -1.93 -4.49 15.43
N ALA A 291 -1.74 -3.63 16.43
CA ALA A 291 -2.70 -2.57 16.69
C ALA A 291 -2.52 -1.37 15.76
N ARG A 292 -1.38 -1.27 15.08
CA ARG A 292 -1.06 -0.11 14.25
C ARG A 292 -0.74 -0.50 12.82
N SER A 293 -1.17 -1.68 12.38
CA SER A 293 -0.80 -2.19 11.07
C SER A 293 -2.01 -2.77 10.35
N ASP A 294 -1.85 -2.95 9.05
CA ASP A 294 -2.89 -3.59 8.23
C ASP A 294 -2.82 -5.10 8.46
N LYS A 295 -3.90 -5.67 9.02
CA LYS A 295 -3.88 -7.08 9.39
C LYS A 295 -3.69 -7.98 8.18
N ASN A 296 -4.35 -7.64 7.07
CA ASN A 296 -4.23 -8.49 5.88
C ASN A 296 -2.82 -8.47 5.32
N GLU A 297 -2.06 -7.38 5.57
CA GLU A 297 -0.66 -7.35 5.18
C GLU A 297 0.17 -8.27 6.06
N ILE A 298 -0.09 -8.27 7.36
CA ILE A 298 0.61 -9.20 8.25
C ILE A 298 0.42 -10.63 7.74
N LEU A 299 -0.82 -10.99 7.39
CA LEU A 299 -1.10 -12.36 7.00
C LEU A 299 -0.48 -12.72 5.65
N THR A 300 -0.43 -11.76 4.71
CA THR A 300 0.30 -12.00 3.48
C THR A 300 1.77 -12.30 3.76
N ASN A 301 2.37 -11.56 4.69
CA ASN A 301 3.76 -11.80 5.03
C ASN A 301 3.95 -13.16 5.70
N VAL A 302 3.06 -13.51 6.64
CA VAL A 302 3.10 -14.84 7.24
C VAL A 302 3.05 -15.89 6.14
N PHE A 303 2.11 -15.72 5.20
CA PHE A 303 2.04 -16.60 4.04
C PHE A 303 3.38 -16.69 3.30
N ARG A 304 4.14 -15.61 3.25
CA ARG A 304 5.40 -15.60 2.52
C ARG A 304 6.60 -16.05 3.36
N SER A 305 6.41 -16.33 4.65
CA SER A 305 7.52 -16.53 5.57
C SER A 305 7.73 -18.01 5.88
N LYS A 306 9.00 -18.36 6.12
CA LYS A 306 9.30 -19.69 6.65
C LYS A 306 8.91 -19.82 8.12
N GLY A 307 8.82 -18.71 8.84
CA GLY A 307 8.40 -18.77 10.24
C GLY A 307 8.04 -17.39 10.73
N VAL A 308 7.46 -17.35 11.93
CA VAL A 308 7.02 -16.11 12.54
C VAL A 308 7.39 -16.10 14.02
N LEU A 309 7.59 -14.90 14.56
CA LEU A 309 7.65 -14.68 15.99
C LEU A 309 6.49 -13.78 16.38
N VAL A 310 5.76 -14.17 17.41
CA VAL A 310 4.57 -13.46 17.86
C VAL A 310 4.81 -12.98 19.28
N GLY A 311 4.51 -11.71 19.53
CA GLY A 311 4.81 -11.07 20.81
C GLY A 311 3.55 -10.59 21.49
N THR A 312 3.49 -10.76 22.80
CA THR A 312 2.40 -10.24 23.60
C THR A 312 2.88 -9.99 25.02
N SER A 313 2.43 -8.89 25.60
CA SER A 313 2.57 -8.72 27.04
C SER A 313 1.43 -9.46 27.73
N THR A 314 1.60 -9.70 29.03
CA THR A 314 0.55 -10.33 29.81
C THR A 314 -0.37 -9.27 30.37
N MET A 315 -1.66 -9.43 30.11
CA MET A 315 -2.70 -8.52 30.60
C MET A 315 -3.79 -9.39 31.22
N ASN A 316 -3.87 -9.37 32.56
CA ASN A 316 -4.87 -10.17 33.29
C ASN A 316 -4.68 -11.67 33.07
N ASN A 317 -3.44 -12.11 33.02
CA ASN A 317 -2.97 -13.47 32.84
C ASN A 317 -3.19 -14.00 31.42
N VAL A 318 -3.84 -13.27 30.53
CA VAL A 318 -4.06 -13.78 29.17
C VAL A 318 -3.27 -12.92 28.19
N MET A 319 -3.44 -13.15 26.90
CA MET A 319 -2.71 -12.41 25.89
C MET A 319 -3.50 -11.19 25.44
N MET A 320 -2.80 -10.28 24.78
CA MET A 320 -3.45 -9.10 24.21
C MET A 320 -4.56 -9.55 23.26
N PRO A 321 -5.75 -8.98 23.36
CA PRO A 321 -6.88 -9.51 22.58
C PRO A 321 -6.62 -9.54 21.07
N LYS A 322 -5.99 -8.50 20.51
CA LYS A 322 -5.74 -8.52 19.07
C LYS A 322 -4.83 -9.69 18.69
N ILE A 323 -3.92 -10.09 19.58
CA ILE A 323 -3.08 -11.25 19.29
C ILE A 323 -3.92 -12.52 19.32
N ALA A 324 -4.80 -12.66 20.31
CA ALA A 324 -5.70 -13.80 20.34
C ALA A 324 -6.55 -13.85 19.07
N GLY A 325 -7.07 -12.71 18.65
CA GLY A 325 -7.87 -12.68 17.43
C GLY A 325 -7.08 -13.08 16.20
N LEU A 326 -5.85 -12.57 16.08
CA LEU A 326 -5.03 -12.90 14.92
C LEU A 326 -4.64 -14.37 14.93
N VAL A 327 -4.40 -14.94 16.11
CA VAL A 327 -4.06 -16.36 16.19
C VAL A 327 -5.26 -17.21 15.85
N GLU A 328 -6.46 -16.80 16.28
CA GLU A 328 -7.67 -17.52 15.88
C GLU A 328 -7.78 -17.55 14.36
N GLU A 329 -7.56 -16.41 13.70
CA GLU A 329 -7.69 -16.38 12.25
C GLU A 329 -6.63 -17.25 11.58
N MET A 330 -5.39 -17.19 12.05
CA MET A 330 -4.36 -18.04 11.49
C MET A 330 -4.71 -19.52 11.64
N THR A 331 -5.36 -19.87 12.75
CA THR A 331 -5.77 -21.26 12.96
C THR A 331 -6.70 -21.73 11.85
N GLY A 332 -7.53 -20.84 11.31
CA GLY A 332 -8.42 -21.20 10.22
C GLY A 332 -7.78 -21.14 8.86
N LEU A 333 -6.73 -20.32 8.69
CA LEU A 333 -6.04 -20.26 7.41
C LEU A 333 -5.18 -21.48 7.15
N ARG A 334 -4.75 -22.19 8.20
CA ARG A 334 -4.04 -23.46 8.06
C ARG A 334 -2.72 -23.32 7.31
N PHE A 335 -1.88 -22.40 7.77
CA PHE A 335 -0.52 -22.31 7.23
C PHE A 335 0.22 -23.62 7.49
N ARG A 336 1.04 -24.03 6.53
CA ARG A 336 1.71 -25.32 6.60
C ARG A 336 3.21 -25.16 6.45
N ASN A 337 3.96 -26.02 7.14
CA ASN A 337 5.41 -26.08 7.05
C ASN A 337 6.08 -24.80 7.55
N LYS A 338 5.43 -24.09 8.46
CA LYS A 338 5.98 -22.87 9.03
C LYS A 338 6.32 -23.08 10.50
N ARG A 339 7.32 -22.34 10.97
CA ARG A 339 7.78 -22.41 12.35
C ARG A 339 7.39 -21.12 13.09
N ALA A 340 7.37 -21.19 14.41
CA ALA A 340 6.94 -20.03 15.20
C ALA A 340 7.61 -20.06 16.56
N SER A 341 7.72 -18.87 17.15
CA SER A 341 8.24 -18.67 18.50
C SER A 341 7.49 -17.51 19.15
N ALA A 342 7.11 -17.68 20.41
CA ALA A 342 6.36 -16.66 21.14
C ALA A 342 7.28 -15.92 22.10
N PHE A 343 7.00 -14.63 22.29
CA PHE A 343 7.80 -13.79 23.17
C PHE A 343 6.91 -12.71 23.77
N GLY A 344 7.44 -12.00 24.76
CA GLY A 344 6.72 -10.88 25.33
C GLY A 344 7.22 -10.56 26.72
N SER A 345 6.83 -9.36 27.17
CA SER A 345 7.16 -8.83 28.48
C SER A 345 6.00 -9.02 29.46
N HIS A 346 6.35 -9.17 30.74
CA HIS A 346 5.36 -9.36 31.79
C HIS A 346 5.81 -8.61 33.03
N GLY A 347 4.84 -8.33 33.91
CA GLY A 347 5.11 -7.60 35.14
C GLY A 347 5.52 -8.48 36.30
N TRP A 348 4.88 -9.64 36.46
CA TRP A 348 5.21 -10.49 37.59
C TRP A 348 5.16 -11.98 37.24
N SER A 349 3.96 -12.56 37.19
CA SER A 349 3.83 -13.99 36.99
C SER A 349 3.72 -14.41 35.53
N GLY A 350 3.67 -13.47 34.60
CA GLY A 350 3.63 -13.83 33.19
C GLY A 350 2.52 -14.81 32.88
N GLY A 351 2.79 -15.73 31.94
CA GLY A 351 1.85 -16.77 31.54
C GLY A 351 1.28 -16.55 30.15
N ALA A 352 1.19 -15.31 29.69
CA ALA A 352 0.59 -15.07 28.37
C ALA A 352 1.45 -15.65 27.27
N VAL A 353 2.78 -15.59 27.41
CA VAL A 353 3.67 -16.11 26.38
C VAL A 353 3.48 -17.61 26.21
N ASP A 354 3.44 -18.34 27.34
CA ASP A 354 3.16 -19.77 27.27
C ASP A 354 1.81 -20.04 26.63
N ARG A 355 0.78 -19.30 27.07
CA ARG A 355 -0.54 -19.42 26.48
C ARG A 355 -0.46 -19.23 24.97
N LEU A 356 0.22 -18.17 24.52
CA LEU A 356 0.32 -17.89 23.09
C LEU A 356 1.08 -18.98 22.35
N SER A 357 2.16 -19.48 22.94
CA SER A 357 2.94 -20.53 22.27
C SER A 357 2.08 -21.77 22.05
N THR A 358 1.29 -22.15 23.05
CA THR A 358 0.40 -23.29 22.88
C THR A 358 -0.58 -23.05 21.72
N ARG A 359 -1.15 -21.86 21.64
CA ARG A 359 -2.16 -21.60 20.61
C ARG A 359 -1.53 -21.47 19.23
N LEU A 360 -0.30 -20.96 19.14
CA LEU A 360 0.41 -21.00 17.87
C LEU A 360 0.66 -22.44 17.42
N GLN A 361 0.96 -23.32 18.38
CA GLN A 361 1.04 -24.74 18.07
C GLN A 361 -0.30 -25.27 17.61
N ASP A 362 -1.38 -24.87 18.30
CA ASP A 362 -2.72 -25.25 17.87
C ASP A 362 -2.98 -24.78 16.44
N ALA A 363 -2.47 -23.61 16.08
CA ALA A 363 -2.68 -23.10 14.73
C ALA A 363 -1.86 -23.84 13.68
N GLY A 364 -0.99 -24.76 14.08
CA GLY A 364 -0.21 -25.55 13.16
C GLY A 364 1.25 -25.17 13.00
N PHE A 365 1.76 -24.22 13.79
CA PHE A 365 3.16 -23.86 13.70
C PHE A 365 4.02 -24.84 14.50
N GLU A 366 5.18 -25.20 13.94
CA GLU A 366 6.18 -25.94 14.69
C GLU A 366 6.91 -24.98 15.62
N MET A 367 6.81 -25.21 16.93
CA MET A 367 7.21 -24.22 17.91
C MET A 367 8.67 -24.36 18.28
N SER A 368 9.37 -23.23 18.33
CA SER A 368 10.67 -23.13 18.97
C SER A 368 10.46 -22.56 20.38
N LEU A 369 11.54 -22.49 21.16
CA LEU A 369 11.43 -22.03 22.54
C LEU A 369 10.90 -20.59 22.59
N SER A 370 10.26 -20.24 23.70
CA SER A 370 9.73 -18.90 23.92
C SER A 370 10.80 -17.98 24.51
N LEU A 371 10.53 -16.68 24.43
CA LEU A 371 11.40 -15.66 24.99
C LEU A 371 10.58 -14.76 25.90
N LYS A 372 11.02 -14.61 27.14
CA LYS A 372 10.29 -13.83 28.15
C LYS A 372 11.23 -12.83 28.79
N ALA A 373 10.69 -11.65 29.10
CA ALA A 373 11.44 -10.62 29.80
C ALA A 373 10.52 -9.93 30.80
N LYS A 374 11.09 -9.47 31.90
CA LYS A 374 10.35 -8.78 32.94
C LYS A 374 10.46 -7.27 32.72
N TRP A 375 9.31 -6.58 32.76
CA TRP A 375 9.25 -5.12 32.60
C TRP A 375 10.02 -4.65 31.37
N ARG A 376 10.73 -3.52 31.48
CA ARG A 376 11.49 -3.00 30.34
C ARG A 376 12.86 -3.66 30.28
N PRO A 377 13.22 -4.27 29.15
CA PRO A 377 14.52 -4.93 29.06
C PRO A 377 15.66 -3.93 29.16
N ASP A 378 16.61 -4.20 30.05
CA ASP A 378 17.84 -3.42 30.13
C ASP A 378 18.84 -3.97 29.12
N GLN A 379 20.06 -3.44 29.12
CA GLN A 379 21.03 -3.85 28.11
C GLN A 379 21.30 -5.35 28.16
N ASP A 380 21.31 -5.93 29.36
CA ASP A 380 21.51 -7.37 29.48
C ASP A 380 20.33 -8.14 28.90
N ALA A 381 19.11 -7.69 29.18
CA ALA A 381 17.93 -8.36 28.65
C ALA A 381 17.89 -8.26 27.12
N LEU A 382 18.26 -7.11 26.57
CA LEU A 382 18.22 -6.95 25.13
C LEU A 382 19.23 -7.86 24.45
N LYS A 383 20.39 -8.07 25.07
CA LYS A 383 21.33 -9.06 24.55
C LYS A 383 20.70 -10.45 24.48
N LEU A 384 19.95 -10.83 25.51
CA LEU A 384 19.25 -12.11 25.49
C LEU A 384 18.25 -12.15 24.34
N CYS A 385 17.52 -11.06 24.12
CA CYS A 385 16.60 -11.00 22.99
C CYS A 385 17.35 -11.10 21.67
N ARG A 386 18.49 -10.41 21.57
CA ARG A 386 19.27 -10.48 20.34
C ARG A 386 19.78 -11.90 20.11
N GLU A 387 20.26 -12.58 21.16
CA GLU A 387 20.71 -13.94 21.01
C GLU A 387 19.56 -14.87 20.64
N HIS A 388 18.35 -14.58 21.12
CA HIS A 388 17.19 -15.35 20.69
C HIS A 388 17.02 -15.26 19.18
N GLY A 389 17.15 -14.04 18.63
CA GLY A 389 17.11 -13.90 17.18
C GLY A 389 18.20 -14.68 16.49
N ARG A 390 19.41 -14.68 17.05
CA ARG A 390 20.49 -15.46 16.48
C ARG A 390 20.15 -16.95 16.50
N GLU A 391 19.68 -17.45 17.64
CA GLU A 391 19.36 -18.86 17.76
C GLU A 391 18.24 -19.25 16.81
N ILE A 392 17.19 -18.44 16.73
CA ILE A 392 16.11 -18.71 15.79
C ILE A 392 16.64 -18.70 14.36
N ALA A 393 17.45 -17.69 14.02
CA ALA A 393 18.00 -17.62 12.67
C ALA A 393 18.79 -18.88 12.33
N ARG A 394 19.57 -19.38 13.30
CA ARG A 394 20.32 -20.60 13.05
C ARG A 394 19.39 -21.81 12.93
N GLN A 395 18.40 -21.91 13.82
CA GLN A 395 17.47 -23.04 13.77
C GLN A 395 16.72 -23.08 12.44
N TRP A 396 16.27 -21.92 11.96
CA TRP A 396 15.36 -21.84 10.82
C TRP A 396 16.07 -21.63 9.51
N ALA A 397 17.41 -21.66 9.49
CA ALA A 397 18.15 -21.47 8.26
C ALA A 397 17.71 -22.49 7.21
N LEU A 398 17.40 -22.01 6.01
CA LEU A 398 17.04 -22.91 4.92
C LEU A 398 18.24 -23.69 4.40
N ALA A 399 19.43 -23.20 4.65
CA ALA A 399 20.66 -23.88 4.25
C ALA A 399 21.75 -23.48 5.23
N PRO A 400 22.92 -24.12 5.16
CA PRO A 400 24.01 -23.76 6.07
C PRO A 400 24.27 -22.25 6.08
N LEU A 401 24.58 -21.71 7.29
CA LEU A 401 24.83 -20.28 7.25
C LEU A 401 26.30 -19.99 6.94
N PRO A 402 26.58 -18.83 6.31
CA PRO A 402 27.95 -18.41 6.02
C PRO A 402 28.77 -18.17 7.29
N SER B 2 25.17 -0.33 15.98
CA SER B 2 25.43 0.51 14.81
C SER B 2 25.76 -0.34 13.58
N ILE B 3 25.80 0.31 12.42
CA ILE B 3 26.11 -0.33 11.16
C ILE B 3 27.20 0.48 10.47
N VAL B 4 28.14 -0.20 9.84
CA VAL B 4 29.19 0.47 9.08
C VAL B 4 28.60 0.94 7.77
N VAL B 5 28.59 2.26 7.55
CA VAL B 5 28.18 2.81 6.26
C VAL B 5 29.32 2.73 5.27
N LYS B 6 30.48 3.25 5.66
CA LYS B 6 31.66 3.23 4.82
C LYS B 6 32.86 3.67 5.65
N ASN B 7 33.92 2.86 5.63
CA ASN B 7 35.14 3.19 6.35
C ASN B 7 34.85 3.45 7.83
N ASN B 8 35.02 4.69 8.27
CA ASN B 8 34.81 5.06 9.67
C ASN B 8 33.48 5.77 9.89
N ILE B 9 32.52 5.59 8.99
CA ILE B 9 31.18 6.15 9.13
C ILE B 9 30.28 5.04 9.66
N HIS B 10 29.70 5.25 10.84
CA HIS B 10 28.84 4.26 11.48
C HIS B 10 27.43 4.82 11.61
N TRP B 11 26.45 4.03 11.19
CA TRP B 11 25.05 4.39 11.40
C TRP B 11 24.70 4.15 12.85
N VAL B 12 24.19 5.18 13.52
CA VAL B 12 23.80 5.07 14.92
C VAL B 12 22.39 5.63 15.10
N GLY B 13 21.54 5.42 14.10
CA GLY B 13 20.18 5.91 14.12
C GLY B 13 19.21 4.93 14.75
N GLN B 14 17.93 5.10 14.40
CA GLN B 14 16.86 4.33 15.01
C GLN B 14 15.83 3.99 13.95
N ARG B 15 15.51 2.71 13.83
CA ARG B 15 14.43 2.27 12.96
C ARG B 15 13.10 2.41 13.68
N ASP B 16 12.05 2.72 12.90
CA ASP B 16 10.72 2.93 13.46
C ASP B 16 9.72 2.11 12.64
N TRP B 17 9.56 0.84 13.03
CA TRP B 17 8.62 -0.04 12.31
C TRP B 17 7.18 0.34 12.56
N GLU B 18 6.87 0.91 13.73
CA GLU B 18 5.50 1.18 14.17
C GLU B 18 4.94 2.50 13.69
N VAL B 19 5.78 3.52 13.48
CA VAL B 19 5.27 4.87 13.22
C VAL B 19 4.28 4.84 12.08
N ARG B 20 3.18 5.59 12.24
CA ARG B 20 2.18 5.70 11.18
C ARG B 20 1.81 7.16 10.93
N ASP B 21 1.89 7.99 11.97
CA ASP B 21 1.41 9.37 11.90
C ASP B 21 2.60 10.32 11.91
N PHE B 22 2.78 11.03 10.81
CA PHE B 22 3.73 12.13 10.70
C PHE B 22 2.97 13.43 10.45
N HIS B 23 3.62 14.56 10.73
CA HIS B 23 2.98 15.87 10.58
C HIS B 23 1.62 15.88 11.28
N GLY B 24 1.63 15.45 12.54
CA GLY B 24 0.40 15.18 13.25
C GLY B 24 -0.19 13.88 12.76
N THR B 25 -1.19 13.97 11.88
CA THR B 25 -1.68 12.81 11.15
C THR B 25 -1.74 13.09 9.65
N GLU B 26 -1.07 14.15 9.19
CA GLU B 26 -1.18 14.57 7.80
C GLU B 26 -0.22 13.84 6.87
N TYR B 27 0.64 12.97 7.40
CA TYR B 27 1.47 12.10 6.57
C TYR B 27 1.50 10.72 7.21
N LYS B 28 0.79 9.76 6.60
CA LYS B 28 0.77 8.39 7.07
C LYS B 28 1.99 7.66 6.54
N THR B 29 2.81 7.13 7.44
CA THR B 29 4.00 6.34 7.10
C THR B 29 3.59 4.87 7.14
N LEU B 30 3.05 4.38 6.02
CA LEU B 30 2.47 3.05 6.00
C LEU B 30 3.52 1.95 6.06
N ARG B 31 4.78 2.25 5.77
CA ARG B 31 5.86 1.29 5.90
C ARG B 31 6.88 1.74 6.94
N GLY B 32 6.41 2.43 7.98
CA GLY B 32 7.30 2.94 9.00
C GLY B 32 8.27 3.98 8.45
N SER B 33 9.35 4.17 9.20
CA SER B 33 10.40 5.10 8.79
C SER B 33 11.65 4.78 9.59
N SER B 34 12.66 5.62 9.44
CA SER B 34 13.89 5.52 10.20
C SER B 34 14.47 6.91 10.36
N TYR B 35 15.19 7.12 11.46
CA TYR B 35 15.87 8.38 11.76
C TYR B 35 17.36 8.08 11.74
N ASN B 36 18.03 8.49 10.66
CA ASN B 36 19.42 8.14 10.44
C ASN B 36 20.32 9.15 11.11
N SER B 37 21.19 8.68 12.00
CA SER B 37 22.26 9.46 12.60
C SER B 37 23.57 8.76 12.33
N TYR B 38 24.63 9.53 12.13
CA TYR B 38 25.91 8.97 11.73
C TYR B 38 27.01 9.45 12.66
N LEU B 39 27.94 8.55 12.96
CA LEU B 39 29.11 8.83 13.78
C LEU B 39 30.36 8.59 12.95
N ILE B 40 31.11 9.65 12.67
CA ILE B 40 32.34 9.57 11.87
C ILE B 40 33.53 9.57 12.82
N ARG B 41 34.44 8.61 12.65
CA ARG B 41 35.53 8.36 13.60
C ARG B 41 36.87 8.46 12.87
N GLU B 42 37.30 9.69 12.62
CA GLU B 42 38.62 9.97 12.07
C GLU B 42 39.53 10.38 13.23
N GLU B 43 40.43 11.34 13.00
CA GLU B 43 41.11 12.00 14.12
C GLU B 43 40.11 12.70 15.02
N LYS B 44 39.15 13.39 14.44
CA LYS B 44 38.03 13.95 15.19
C LYS B 44 36.83 13.03 15.03
N ASN B 45 35.97 13.03 16.05
CA ASN B 45 34.73 12.25 16.06
C ASN B 45 33.56 13.19 15.88
N VAL B 46 32.77 12.96 14.85
CA VAL B 46 31.68 13.85 14.45
C VAL B 46 30.37 13.09 14.46
N LEU B 47 29.37 13.64 15.16
CA LEU B 47 28.01 13.10 15.13
C LEU B 47 27.15 13.95 14.20
N ILE B 48 26.47 13.29 13.27
CA ILE B 48 25.64 13.95 12.27
C ILE B 48 24.17 13.71 12.62
N ASP B 49 23.49 14.75 13.09
CA ASP B 49 22.07 14.67 13.43
C ASP B 49 21.82 13.69 14.57
N THR B 50 20.61 13.70 15.12
CA THR B 50 20.24 12.70 16.12
C THR B 50 19.01 11.94 15.64
N VAL B 51 18.06 11.65 16.53
CA VAL B 51 16.87 10.90 16.17
C VAL B 51 15.64 11.59 16.75
N ASP B 52 14.48 11.01 16.46
CA ASP B 52 13.23 11.56 16.96
C ASP B 52 13.22 11.55 18.48
N HIS B 53 12.52 12.54 19.06
CA HIS B 53 12.49 12.66 20.51
C HIS B 53 11.96 11.40 21.17
N LYS B 54 11.11 10.63 20.49
CA LYS B 54 10.52 9.44 21.08
C LYS B 54 11.57 8.40 21.47
N PHE B 55 12.77 8.48 20.91
CA PHE B 55 13.82 7.50 21.19
C PHE B 55 15.09 8.14 21.73
N SER B 56 14.99 9.30 22.38
CA SER B 56 16.19 9.97 22.86
C SER B 56 16.93 9.13 23.90
N ARG B 57 16.19 8.52 24.83
CA ARG B 57 16.83 7.66 25.82
C ARG B 57 17.56 6.51 25.15
N GLU B 58 16.87 5.80 24.23
CA GLU B 58 17.54 4.76 23.47
C GLU B 58 18.74 5.30 22.71
N PHE B 59 18.59 6.48 22.10
CA PHE B 59 19.64 7.00 21.25
C PHE B 59 20.92 7.26 22.04
N VAL B 60 20.79 7.90 23.20
CA VAL B 60 21.98 8.22 23.98
C VAL B 60 22.65 6.94 24.47
N GLN B 61 21.86 5.98 24.97
CA GLN B 61 22.46 4.75 25.48
C GLN B 61 23.17 3.97 24.38
N ASN B 62 22.50 3.82 23.22
CA ASN B 62 23.17 3.18 22.09
C ASN B 62 24.44 3.92 21.70
N LEU B 63 24.38 5.26 21.68
CA LEU B 63 25.56 6.04 21.36
C LEU B 63 26.68 5.78 22.35
N ARG B 64 26.33 5.68 23.65
CA ARG B 64 27.32 5.29 24.66
C ARG B 64 27.97 3.97 24.30
N ASN B 65 27.17 2.98 23.88
CA ASN B 65 27.73 1.68 23.51
C ASN B 65 28.75 1.79 22.38
N GLU B 66 28.65 2.85 21.57
CA GLU B 66 29.56 3.01 20.44
C GLU B 66 30.82 3.79 20.83
N ILE B 67 30.68 4.81 21.67
CA ILE B 67 31.78 5.72 21.98
C ILE B 67 31.51 6.35 23.33
N ASP B 68 32.58 6.66 24.04
CA ASP B 68 32.44 7.54 25.21
C ASP B 68 31.98 8.91 24.74
N LEU B 69 30.86 9.38 25.27
CA LEU B 69 30.29 10.64 24.79
C LEU B 69 31.30 11.77 24.86
N ALA B 70 32.17 11.75 25.85
CA ALA B 70 33.19 12.79 25.97
C ALA B 70 34.10 12.84 24.75
N ASP B 71 34.27 11.72 24.05
CA ASP B 71 35.13 11.68 22.87
C ASP B 71 34.47 12.24 21.62
N ILE B 72 33.20 12.63 21.70
CA ILE B 72 32.55 13.31 20.59
C ILE B 72 33.08 14.74 20.53
N ASP B 73 33.66 15.10 19.38
CA ASP B 73 34.27 16.42 19.21
C ASP B 73 33.29 17.45 18.69
N TYR B 74 32.56 17.13 17.62
CA TYR B 74 31.66 18.07 16.96
C TYR B 74 30.31 17.41 16.74
N ILE B 75 29.25 18.21 16.86
CA ILE B 75 27.89 17.78 16.54
C ILE B 75 27.40 18.63 15.38
N VAL B 76 26.95 17.97 14.31
CA VAL B 76 26.41 18.63 13.13
C VAL B 76 24.91 18.42 13.11
N ILE B 77 24.15 19.52 13.02
CA ILE B 77 22.69 19.47 12.90
C ILE B 77 22.34 20.04 11.53
N ASN B 78 22.04 19.15 10.57
CA ASN B 78 21.62 19.60 9.25
C ASN B 78 20.26 20.27 9.26
N HIS B 79 19.44 20.00 10.28
CA HIS B 79 18.01 20.26 10.22
C HIS B 79 17.45 19.99 11.61
N ALA B 80 16.72 20.97 12.18
CA ALA B 80 16.36 20.92 13.58
C ALA B 80 14.95 20.42 13.84
N GLU B 81 14.28 19.89 12.82
CA GLU B 81 12.97 19.29 13.04
C GLU B 81 13.09 18.20 14.11
N GLU B 82 11.99 17.98 14.84
CA GLU B 82 12.05 17.14 16.03
C GLU B 82 12.40 15.69 15.71
N ASP B 83 12.17 15.22 14.49
CA ASP B 83 12.47 13.84 14.15
C ASP B 83 13.95 13.60 13.94
N HIS B 84 14.78 14.64 13.99
CA HIS B 84 16.23 14.50 13.85
C HIS B 84 17.01 15.14 14.99
N ALA B 85 16.54 16.27 15.53
CA ALA B 85 17.18 16.92 16.66
C ALA B 85 16.47 16.61 17.98
N GLY B 86 15.55 15.66 18.00
CA GLY B 86 14.70 15.48 19.15
C GLY B 86 15.43 14.95 20.35
N ALA B 87 16.55 14.27 20.12
CA ALA B 87 17.35 13.71 21.19
C ALA B 87 18.47 14.65 21.64
N LEU B 88 18.50 15.87 21.10
CA LEU B 88 19.62 16.77 21.35
C LEU B 88 19.67 17.21 22.81
N THR B 89 18.52 17.53 23.41
CA THR B 89 18.53 17.96 24.81
C THR B 89 19.11 16.87 25.71
N GLU B 90 18.67 15.63 25.52
CA GLU B 90 19.19 14.53 26.33
C GLU B 90 20.68 14.35 26.11
N LEU B 91 21.14 14.43 24.87
CA LEU B 91 22.57 14.28 24.60
C LEU B 91 23.38 15.44 25.19
N MET B 92 22.88 16.66 25.03
CA MET B 92 23.64 17.83 25.51
C MET B 92 23.67 17.91 27.03
N ALA B 93 22.73 17.26 27.72
CA ALA B 93 22.81 17.20 29.17
C ALA B 93 24.04 16.44 29.65
N GLN B 94 24.54 15.52 28.82
CA GLN B 94 25.74 14.76 29.15
C GLN B 94 27.01 15.47 28.71
N ILE B 95 27.00 16.09 27.53
CA ILE B 95 28.18 16.75 26.99
C ILE B 95 27.82 18.19 26.62
N PRO B 96 27.52 19.05 27.59
CA PRO B 96 27.00 20.39 27.27
C PRO B 96 28.03 21.32 26.62
N ASP B 97 29.31 20.97 26.62
CA ASP B 97 30.32 21.85 26.04
C ASP B 97 30.60 21.53 24.58
N THR B 98 29.99 20.48 24.03
CA THR B 98 30.32 20.05 22.68
C THR B 98 29.77 21.04 21.66
N PRO B 99 30.58 21.53 20.74
CA PRO B 99 30.10 22.54 19.78
C PRO B 99 29.10 21.93 18.81
N ILE B 100 28.15 22.76 18.38
CA ILE B 100 27.15 22.39 17.40
C ILE B 100 27.38 23.21 16.14
N TYR B 101 27.51 22.53 15.01
CA TYR B 101 27.64 23.19 13.71
C TYR B 101 26.32 23.10 12.97
N CYS B 102 25.82 24.25 12.53
CA CYS B 102 24.51 24.33 11.90
C CYS B 102 24.39 25.68 11.19
N THR B 103 23.33 25.82 10.41
CA THR B 103 23.06 27.10 9.76
C THR B 103 22.61 28.13 10.78
N ALA B 104 22.72 29.40 10.40
CA ALA B 104 22.25 30.47 11.28
C ALA B 104 20.78 30.28 11.61
N ASN B 105 19.97 29.89 10.63
CA ASN B 105 18.55 29.63 10.88
C ASN B 105 18.36 28.47 11.84
N ALA B 106 19.31 27.54 11.90
CA ALA B 106 19.18 26.40 12.80
C ALA B 106 19.36 26.80 14.26
N ILE B 107 20.09 27.89 14.53
CA ILE B 107 20.16 28.39 15.90
C ILE B 107 18.78 28.80 16.39
N ASP B 108 18.02 29.46 15.52
CA ASP B 108 16.67 29.87 15.89
C ASP B 108 15.73 28.67 16.04
N SER B 109 15.91 27.64 15.20
CA SER B 109 15.03 26.48 15.27
C SER B 109 15.44 25.54 16.40
N ILE B 110 16.74 25.35 16.62
CA ILE B 110 17.20 24.54 17.74
C ILE B 110 16.75 25.16 19.07
N ASN B 111 17.05 26.45 19.27
CA ASN B 111 16.62 27.13 20.47
C ASN B 111 15.09 27.14 20.57
N GLY B 112 14.41 27.29 19.43
CA GLY B 112 12.96 27.30 19.45
C GLY B 112 12.37 26.07 20.09
N HIS B 113 12.97 24.90 19.85
CA HIS B 113 12.48 23.66 20.43
C HIS B 113 13.10 23.36 21.81
N HIS B 114 14.41 23.54 21.93
CA HIS B 114 15.14 23.02 23.08
C HIS B 114 15.32 24.04 24.21
N HIS B 115 15.32 25.34 23.89
CA HIS B 115 15.39 26.39 24.90
C HIS B 115 16.74 26.42 25.62
N HIS B 116 17.82 25.99 24.96
CA HIS B 116 19.16 25.99 25.55
C HIS B 116 20.07 26.85 24.68
N PRO B 117 19.87 28.17 24.68
CA PRO B 117 20.72 29.04 23.87
C PRO B 117 22.16 29.10 24.36
N GLU B 118 22.43 28.66 25.60
CA GLU B 118 23.80 28.68 26.11
C GLU B 118 24.69 27.67 25.41
N TRP B 119 24.09 26.72 24.68
CA TRP B 119 24.87 25.75 23.91
C TRP B 119 25.85 26.47 22.98
N ASN B 120 26.91 25.78 22.57
CA ASN B 120 27.99 26.39 21.80
C ASN B 120 27.71 26.19 20.31
N PHE B 121 27.06 27.19 19.70
CA PHE B 121 26.68 27.13 18.31
C PHE B 121 27.76 27.73 17.41
N ASN B 122 28.00 27.09 16.26
CA ASN B 122 28.89 27.58 15.22
C ASN B 122 28.10 27.68 13.92
N VAL B 123 27.85 28.91 13.47
CA VAL B 123 27.13 29.10 12.22
C VAL B 123 28.04 28.72 11.05
N VAL B 124 27.48 27.95 10.12
CA VAL B 124 28.20 27.58 8.90
C VAL B 124 27.44 28.10 7.70
N LYS B 125 28.18 28.45 6.65
CA LYS B 125 27.63 28.84 5.37
C LYS B 125 28.14 27.88 4.31
N THR B 126 27.47 27.86 3.16
CA THR B 126 27.91 27.01 2.06
C THR B 126 29.39 27.26 1.76
N GLY B 127 30.15 26.17 1.65
CA GLY B 127 31.56 26.25 1.39
C GLY B 127 32.44 26.21 2.63
N ASP B 128 31.88 26.48 3.81
CA ASP B 128 32.64 26.35 5.03
C ASP B 128 33.09 24.91 5.22
N THR B 129 34.22 24.73 5.89
CA THR B 129 34.82 23.42 6.05
C THR B 129 35.12 23.15 7.51
N LEU B 130 35.18 21.88 7.85
CA LEU B 130 35.53 21.42 9.19
C LEU B 130 36.43 20.21 9.02
N ASP B 131 37.72 20.38 9.32
CA ASP B 131 38.68 19.29 9.18
C ASP B 131 38.51 18.29 10.32
N ILE B 132 38.51 17.00 9.97
CA ILE B 132 38.37 15.94 10.95
C ILE B 132 39.59 15.03 10.97
N GLY B 133 40.65 15.39 10.24
CA GLY B 133 41.88 14.63 10.25
C GLY B 133 41.96 13.60 9.13
N ASN B 134 43.13 12.96 9.06
CA ASN B 134 43.38 11.93 8.04
C ASN B 134 43.09 12.45 6.64
N GLY B 135 43.31 13.74 6.42
CA GLY B 135 43.11 14.32 5.11
C GLY B 135 41.66 14.56 4.74
N LYS B 136 40.72 14.30 5.64
CA LYS B 136 39.31 14.42 5.35
C LYS B 136 38.73 15.66 6.00
N GLN B 137 37.67 16.19 5.40
CA GLN B 137 37.00 17.36 5.96
C GLN B 137 35.52 17.32 5.58
N LEU B 138 34.72 17.96 6.42
CA LEU B 138 33.31 18.18 6.11
C LEU B 138 33.16 19.50 5.37
N ILE B 139 32.28 19.51 4.37
CA ILE B 139 31.94 20.72 3.64
C ILE B 139 30.44 20.92 3.74
N PHE B 140 30.04 22.12 4.14
CA PHE B 140 28.64 22.42 4.40
C PHE B 140 28.00 23.10 3.21
N VAL B 141 26.74 22.75 2.95
CA VAL B 141 25.98 23.32 1.85
C VAL B 141 24.62 23.73 2.40
N GLU B 142 24.33 25.03 2.34
CA GLU B 142 23.04 25.51 2.80
C GLU B 142 21.96 25.18 1.78
N THR B 143 20.84 24.67 2.27
CA THR B 143 19.69 24.32 1.42
C THR B 143 18.41 24.89 2.04
N PRO B 144 18.37 26.20 2.28
CA PRO B 144 17.20 26.79 2.95
C PRO B 144 15.93 26.52 2.16
N MET B 145 14.88 26.14 2.88
CA MET B 145 13.57 25.80 2.31
C MET B 145 13.61 24.52 1.49
N LEU B 146 14.59 23.65 1.74
CA LEU B 146 14.59 22.27 1.27
C LEU B 146 14.83 21.37 2.48
N HIS B 147 13.86 21.31 3.39
CA HIS B 147 12.56 21.95 3.19
C HIS B 147 12.25 23.01 4.24
N TRP B 148 13.19 23.26 5.15
CA TRP B 148 13.03 24.25 6.20
C TRP B 148 14.05 25.37 6.01
N PRO B 149 13.80 26.53 6.62
CA PRO B 149 14.82 27.59 6.59
C PRO B 149 16.17 27.16 7.12
N ASP B 150 16.21 26.21 8.06
CA ASP B 150 17.45 25.80 8.70
C ASP B 150 18.18 24.69 7.95
N SER B 151 17.59 24.16 6.87
CA SER B 151 18.10 22.94 6.27
C SER B 151 19.46 23.15 5.61
N MET B 152 20.33 22.14 5.75
CA MET B 152 21.60 22.13 5.05
C MET B 152 22.01 20.68 4.81
N MET B 153 23.06 20.51 4.02
CA MET B 153 23.67 19.22 3.79
C MET B 153 25.14 19.29 4.15
N THR B 154 25.71 18.15 4.56
CA THR B 154 27.10 18.03 4.94
C THR B 154 27.79 17.01 4.05
N TYR B 155 28.93 17.39 3.47
CA TYR B 155 29.69 16.53 2.57
C TYR B 155 31.02 16.16 3.20
N LEU B 156 31.38 14.88 3.13
CA LEU B 156 32.61 14.36 3.69
C LEU B 156 33.56 14.00 2.56
N THR B 157 34.61 14.80 2.39
CA THR B 157 35.59 14.51 1.35
C THR B 157 36.29 13.19 1.63
N GLY B 158 36.99 12.69 0.61
CA GLY B 158 37.65 11.41 0.72
C GLY B 158 36.67 10.25 0.61
N ASP B 159 35.85 10.07 1.65
CA ASP B 159 34.80 9.06 1.59
C ASP B 159 33.74 9.42 0.55
N ALA B 160 33.64 10.68 0.16
CA ALA B 160 32.68 11.12 -0.85
C ALA B 160 31.26 10.69 -0.48
N VAL B 161 30.83 11.10 0.71
CA VAL B 161 29.49 10.80 1.21
C VAL B 161 28.78 12.11 1.46
N LEU B 162 27.58 12.25 0.89
CA LEU B 162 26.75 13.44 1.05
C LEU B 162 25.66 13.13 2.06
N PHE B 163 25.74 13.76 3.23
CA PHE B 163 24.71 13.63 4.25
C PHE B 163 23.64 14.68 3.93
N SER B 164 22.53 14.21 3.36
CA SER B 164 21.52 15.09 2.78
C SER B 164 20.34 15.36 3.70
N ASN B 165 20.28 14.72 4.86
CA ASN B 165 19.14 14.87 5.79
C ASN B 165 17.88 14.52 5.01
N ASP B 166 16.81 15.33 5.08
CA ASP B 166 15.53 14.94 4.48
C ASP B 166 15.63 14.72 2.98
N ALA B 167 16.41 15.56 2.29
CA ALA B 167 16.50 15.50 0.84
C ALA B 167 16.92 14.10 0.39
N PHE B 168 16.22 13.57 -0.61
CA PHE B 168 16.46 12.27 -1.22
C PHE B 168 16.08 11.12 -0.30
N GLY B 169 15.53 11.39 0.88
CA GLY B 169 15.12 10.33 1.79
C GLY B 169 13.70 9.85 1.53
N GLN B 170 13.25 8.97 2.41
CA GLN B 170 11.90 8.44 2.29
C GLN B 170 11.58 7.68 3.56
N HIS B 171 10.29 7.60 3.88
CA HIS B 171 9.84 6.90 5.08
C HIS B 171 9.66 5.42 4.72
N TYR B 172 10.66 4.62 5.09
CA TYR B 172 10.69 3.21 4.71
C TYR B 172 11.60 2.51 5.70
N CYS B 173 11.06 1.59 6.49
CA CYS B 173 11.80 0.91 7.53
C CYS B 173 12.21 -0.47 7.04
N ASP B 174 13.47 -0.84 7.28
CA ASP B 174 14.00 -2.14 6.88
C ASP B 174 15.25 -2.41 7.71
N GLU B 175 15.45 -3.70 8.04
CA GLU B 175 16.64 -4.05 8.82
C GLU B 175 17.92 -3.82 8.03
N HIS B 176 17.84 -3.85 6.70
CA HIS B 176 18.99 -3.58 5.86
C HIS B 176 19.10 -2.08 5.58
N LEU B 177 20.33 -1.60 5.47
CA LEU B 177 20.59 -0.17 5.42
C LEU B 177 20.66 0.38 4.01
N PHE B 178 21.07 -0.42 3.03
CA PHE B 178 21.48 0.09 1.73
C PHE B 178 20.41 -0.12 0.67
N ASN B 179 20.38 0.82 -0.29
CA ASN B 179 19.31 0.83 -1.29
C ASN B 179 19.30 -0.45 -2.11
N ASP B 180 20.47 -1.02 -2.37
CA ASP B 180 20.56 -2.25 -3.16
C ASP B 180 20.17 -3.48 -2.36
N GLU B 181 19.75 -3.33 -1.11
CA GLU B 181 19.38 -4.46 -0.26
C GLU B 181 17.88 -4.53 0.04
N VAL B 182 17.09 -3.58 -0.44
CA VAL B 182 15.67 -3.51 -0.11
C VAL B 182 14.85 -3.72 -1.37
N ASP B 183 13.54 -3.93 -1.17
CA ASP B 183 12.61 -4.06 -2.28
C ASP B 183 12.52 -2.74 -3.04
N GLN B 184 12.72 -2.81 -4.36
CA GLN B 184 12.87 -1.59 -5.14
C GLN B 184 11.55 -0.87 -5.36
N THR B 185 10.47 -1.59 -5.71
CA THR B 185 9.20 -0.92 -5.91
C THR B 185 8.73 -0.25 -4.62
N GLU B 186 8.81 -0.97 -3.50
CA GLU B 186 8.49 -0.37 -2.21
C GLU B 186 9.35 0.87 -1.97
N LEU B 187 10.65 0.79 -2.25
CA LEU B 187 11.53 1.93 -2.07
C LEU B 187 11.07 3.11 -2.93
N PHE B 188 10.87 2.87 -4.23
CA PHE B 188 10.43 3.93 -5.12
C PHE B 188 9.11 4.54 -4.66
N GLU B 189 8.14 3.68 -4.30
CA GLU B 189 6.83 4.19 -3.86
C GLU B 189 6.98 5.18 -2.72
N GLN B 190 7.81 4.84 -1.72
CA GLN B 190 7.98 5.74 -0.58
C GLN B 190 8.74 6.99 -0.99
N CYS B 191 9.65 6.89 -1.95
CA CYS B 191 10.38 8.08 -2.41
C CYS B 191 9.42 9.08 -3.05
N GLN B 192 8.58 8.61 -3.97
CA GLN B 192 7.67 9.51 -4.67
C GLN B 192 6.61 10.05 -3.73
N ARG B 193 6.04 9.19 -2.88
CA ARG B 193 5.12 9.64 -1.85
C ARG B 193 5.73 10.77 -1.04
N TYR B 194 7.03 10.65 -0.73
CA TYR B 194 7.70 11.65 0.10
C TYR B 194 7.83 12.98 -0.65
N TYR B 195 8.33 12.95 -1.88
CA TYR B 195 8.46 14.18 -2.64
C TYR B 195 7.11 14.85 -2.85
N ALA B 196 6.13 14.08 -3.31
CA ALA B 196 4.83 14.64 -3.66
C ALA B 196 4.19 15.37 -2.47
N ASN B 197 4.21 14.75 -1.29
CA ASN B 197 3.50 15.30 -0.13
C ASN B 197 4.30 16.31 0.67
N ILE B 198 5.62 16.42 0.45
CA ILE B 198 6.48 17.27 1.26
C ILE B 198 7.17 18.33 0.42
N LEU B 199 7.81 17.94 -0.67
CA LEU B 199 8.74 18.82 -1.37
C LEU B 199 8.13 19.49 -2.61
N THR B 200 6.94 19.07 -3.04
CA THR B 200 6.32 19.70 -4.21
C THR B 200 6.36 21.21 -4.17
N PRO B 201 5.94 21.89 -3.10
CA PRO B 201 5.92 23.36 -3.13
C PRO B 201 7.28 23.99 -3.24
N PHE B 202 8.36 23.23 -3.00
CA PHE B 202 9.72 23.75 -3.10
C PHE B 202 10.42 23.27 -4.37
N SER B 203 9.67 22.78 -5.35
CA SER B 203 10.27 22.27 -6.57
C SER B 203 11.14 23.32 -7.27
N ARG B 204 10.75 24.59 -7.19
CA ARG B 204 11.54 25.64 -7.85
C ARG B 204 12.91 25.80 -7.23
N LEU B 205 13.11 25.32 -5.99
CA LEU B 205 14.40 25.37 -5.32
C LEU B 205 15.21 24.10 -5.53
N VAL B 206 14.60 23.01 -5.99
CA VAL B 206 15.31 21.74 -6.09
C VAL B 206 16.33 21.79 -7.23
N THR B 207 15.89 22.17 -8.42
CA THR B 207 16.79 22.19 -9.58
C THR B 207 17.98 23.11 -9.37
N PRO B 208 17.81 24.39 -9.02
CA PRO B 208 18.98 25.26 -8.83
C PRO B 208 19.94 24.72 -7.79
N LYS B 209 19.44 24.20 -6.67
CA LYS B 209 20.33 23.71 -5.63
C LYS B 209 21.11 22.48 -6.10
N ILE B 210 20.43 21.53 -6.77
CA ILE B 210 21.15 20.37 -7.30
C ILE B 210 22.20 20.82 -8.31
N THR B 211 21.84 21.77 -9.16
CA THR B 211 22.82 22.32 -10.11
C THR B 211 24.02 22.91 -9.38
N GLU B 212 23.77 23.72 -8.35
CA GLU B 212 24.85 24.31 -7.58
C GLU B 212 25.77 23.23 -7.02
N ILE B 213 25.19 22.23 -6.36
CA ILE B 213 25.99 21.16 -5.76
C ILE B 213 26.78 20.43 -6.83
N LEU B 214 26.12 20.03 -7.92
CA LEU B 214 26.83 19.39 -9.02
C LEU B 214 27.98 20.24 -9.51
N GLY B 215 27.78 21.56 -9.58
CA GLY B 215 28.84 22.45 -9.99
C GLY B 215 30.11 22.34 -9.16
N PHE B 216 30.00 21.84 -7.93
CA PHE B 216 31.17 21.72 -7.08
C PHE B 216 32.15 20.65 -7.55
N ASN B 217 31.76 19.81 -8.50
CA ASN B 217 32.63 18.75 -9.00
C ASN B 217 33.15 17.87 -7.87
N LEU B 218 32.26 17.57 -6.93
CA LEU B 218 32.64 16.69 -5.82
C LEU B 218 32.13 15.29 -6.10
N PRO B 219 32.99 14.27 -6.02
CA PRO B 219 32.52 12.89 -6.21
C PRO B 219 31.47 12.53 -5.17
N VAL B 220 30.55 11.64 -5.56
CA VAL B 220 29.51 11.17 -4.66
C VAL B 220 29.47 9.66 -4.73
N ASP B 221 30.04 8.99 -3.74
CA ASP B 221 29.94 7.54 -3.69
C ASP B 221 28.66 7.09 -2.99
N MET B 222 28.18 7.88 -2.04
CA MET B 222 26.97 7.54 -1.29
C MET B 222 26.23 8.82 -0.94
N ILE B 223 24.91 8.70 -0.84
CA ILE B 223 24.05 9.76 -0.32
C ILE B 223 23.41 9.19 0.95
N ALA B 224 23.82 9.74 2.11
CA ALA B 224 23.34 9.28 3.41
C ALA B 224 22.26 10.24 3.90
N THR B 225 21.00 9.84 3.78
CA THR B 225 19.87 10.67 4.14
C THR B 225 19.52 10.49 5.62
N SER B 226 18.52 11.25 6.07
CA SER B 226 18.04 11.13 7.43
C SER B 226 16.82 10.22 7.56
N HIS B 227 16.28 9.73 6.45
CA HIS B 227 15.14 8.81 6.46
C HIS B 227 15.37 7.72 5.42
N GLY B 228 15.29 6.46 5.86
CA GLY B 228 15.33 5.35 4.93
C GLY B 228 16.72 4.86 4.57
N VAL B 229 16.87 4.35 3.35
CA VAL B 229 18.10 3.68 2.96
C VAL B 229 19.23 4.69 2.76
N VAL B 230 20.45 4.17 2.77
CA VAL B 230 21.63 4.89 2.29
C VAL B 230 21.80 4.54 0.81
N TRP B 231 21.90 5.58 -0.03
CA TRP B 231 22.08 5.40 -1.47
C TRP B 231 23.54 5.12 -1.76
N ARG B 232 23.88 3.85 -1.98
CA ARG B 232 25.25 3.51 -2.35
C ARG B 232 25.39 2.92 -3.74
N ASP B 233 24.39 2.18 -4.23
CA ASP B 233 24.42 1.62 -5.58
C ASP B 233 23.79 2.61 -6.54
N ASN B 234 24.59 3.16 -7.44
CA ASN B 234 24.13 4.18 -8.39
C ASN B 234 23.38 5.28 -7.63
N PRO B 235 24.06 5.99 -6.71
CA PRO B 235 23.34 6.94 -5.84
C PRO B 235 22.73 8.11 -6.59
N THR B 236 23.24 8.45 -7.77
CA THR B 236 22.67 9.54 -8.53
C THR B 236 21.24 9.26 -8.99
N GLN B 237 20.79 8.00 -8.91
CA GLN B 237 19.46 7.67 -9.41
C GLN B 237 18.39 8.48 -8.70
N ILE B 238 18.53 8.70 -7.39
CA ILE B 238 17.55 9.50 -6.68
C ILE B 238 17.68 10.96 -7.04
N VAL B 239 18.89 11.42 -7.34
CA VAL B 239 19.09 12.81 -7.74
C VAL B 239 18.40 13.08 -9.08
N GLU B 240 18.43 12.11 -9.99
CA GLU B 240 17.77 12.27 -11.26
C GLU B 240 16.25 12.27 -11.10
N LEU B 241 15.72 11.38 -10.27
CA LEU B 241 14.29 11.41 -9.98
C LEU B 241 13.88 12.78 -9.48
N TYR B 242 14.64 13.35 -8.55
CA TYR B 242 14.30 14.67 -8.02
C TYR B 242 14.30 15.72 -9.11
N LEU B 243 15.27 15.66 -10.03
CA LEU B 243 15.26 16.60 -11.16
C LEU B 243 13.99 16.43 -11.99
N LYS B 244 13.55 15.19 -12.20
CA LYS B 244 12.32 14.98 -12.95
C LYS B 244 11.10 15.43 -12.15
N TRP B 245 11.02 15.01 -10.88
CA TRP B 245 9.86 15.35 -10.08
C TRP B 245 9.73 16.87 -9.89
N ALA B 246 10.85 17.59 -9.95
CA ALA B 246 10.84 19.03 -9.70
C ALA B 246 10.36 19.84 -10.91
N ALA B 247 10.36 19.26 -12.10
CA ALA B 247 9.99 20.00 -13.32
C ALA B 247 8.49 19.90 -13.58
N ASP B 248 7.70 20.36 -12.61
CA ASP B 248 6.25 20.35 -12.71
C ASP B 248 5.75 19.00 -13.24
N TYR B 249 6.23 17.95 -12.59
CA TYR B 249 6.05 16.59 -13.07
C TYR B 249 4.58 16.25 -13.30
N GLN B 250 4.34 15.45 -14.34
CA GLN B 250 2.99 14.95 -14.61
C GLN B 250 3.07 13.82 -15.61
N GLU B 251 2.26 12.80 -15.40
CA GLU B 251 2.08 11.72 -16.35
C GLU B 251 0.73 11.89 -17.05
N ASP B 252 0.49 11.07 -18.07
CA ASP B 252 -0.80 11.10 -18.76
C ASP B 252 -1.79 10.36 -17.85
N ARG B 253 -2.31 11.11 -16.88
CA ARG B 253 -2.97 10.55 -15.71
C ARG B 253 -3.94 11.59 -15.18
N ILE B 254 -5.14 11.16 -14.82
CA ILE B 254 -6.15 12.03 -14.24
C ILE B 254 -6.63 11.39 -12.94
N THR B 255 -6.62 12.16 -11.86
CA THR B 255 -7.09 11.72 -10.56
C THR B 255 -8.45 12.35 -10.29
N ILE B 256 -9.40 11.54 -9.87
CA ILE B 256 -10.73 11.98 -9.50
C ILE B 256 -10.95 11.62 -8.04
N PHE B 257 -11.26 12.63 -7.22
CA PHE B 257 -11.60 12.36 -5.84
C PHE B 257 -12.75 13.27 -5.41
N TYR B 258 -13.50 12.81 -4.43
CA TYR B 258 -14.75 13.44 -4.05
C TYR B 258 -15.10 13.02 -2.63
N ASP B 259 -16.14 13.64 -2.10
CA ASP B 259 -16.85 13.11 -0.94
C ASP B 259 -18.34 13.14 -1.26
N THR B 260 -19.07 12.18 -0.69
CA THR B 260 -20.47 12.01 -1.05
C THR B 260 -21.24 11.54 0.18
N MET B 261 -22.51 11.94 0.24
CA MET B 261 -23.40 11.55 1.32
C MET B 261 -24.36 10.44 0.94
N TYR B 262 -24.90 10.46 -0.28
CA TYR B 262 -25.79 9.41 -0.74
C TYR B 262 -25.32 8.78 -2.05
N ASN B 263 -24.05 8.99 -2.40
CA ASN B 263 -23.39 8.38 -3.55
C ASN B 263 -23.79 9.01 -4.88
N ASN B 264 -24.57 10.09 -4.86
CA ASN B 264 -24.91 10.76 -6.11
C ASN B 264 -23.67 11.32 -6.79
N THR B 265 -22.85 12.04 -6.03
CA THR B 265 -21.59 12.55 -6.58
C THR B 265 -20.67 11.40 -6.98
N ARG B 266 -20.75 10.27 -6.29
CA ARG B 266 -19.94 9.12 -6.66
C ARG B 266 -20.35 8.58 -8.02
N MET B 267 -21.65 8.52 -8.28
CA MET B 267 -22.14 8.09 -9.59
C MET B 267 -21.63 9.00 -10.69
N MET B 268 -21.57 10.31 -10.42
CA MET B 268 -21.02 11.23 -11.41
C MET B 268 -19.55 10.94 -11.67
N ALA B 269 -18.77 10.70 -10.60
CA ALA B 269 -17.35 10.43 -10.76
C ALA B 269 -17.13 9.23 -11.67
N ASP B 270 -17.87 8.14 -11.45
CA ASP B 270 -17.70 6.94 -12.26
C ASP B 270 -18.03 7.21 -13.73
N ALA B 271 -19.14 7.91 -13.98
CA ALA B 271 -19.53 8.20 -15.36
C ALA B 271 -18.50 9.10 -16.04
N ILE B 272 -17.98 10.09 -15.31
CA ILE B 272 -16.90 10.92 -15.85
C ILE B 272 -15.72 10.04 -16.27
N ALA B 273 -15.30 9.14 -15.36
CA ALA B 273 -14.16 8.28 -15.66
C ALA B 273 -14.40 7.43 -16.91
N GLN B 274 -15.61 6.90 -17.06
CA GLN B 274 -15.92 6.10 -18.24
C GLN B 274 -15.82 6.95 -19.50
N GLY B 275 -16.28 8.20 -19.43
CA GLY B 275 -16.16 9.09 -20.58
C GLY B 275 -14.70 9.38 -20.93
N ILE B 276 -13.85 9.49 -19.92
CA ILE B 276 -12.42 9.69 -20.16
C ILE B 276 -11.82 8.44 -20.80
N ALA B 277 -12.06 7.27 -20.19
CA ALA B 277 -11.38 6.06 -20.62
C ALA B 277 -11.74 5.66 -22.04
N GLU B 278 -12.97 5.92 -22.48
CA GLU B 278 -13.38 5.58 -23.83
C GLU B 278 -13.04 6.67 -24.84
N THR B 279 -12.59 7.84 -24.39
CA THR B 279 -12.16 8.90 -25.30
C THR B 279 -10.64 8.92 -25.50
N ASP B 280 -9.86 8.78 -24.44
CA ASP B 280 -8.40 8.72 -24.54
C ASP B 280 -7.88 7.55 -23.73
N PRO B 281 -7.61 6.40 -24.36
CA PRO B 281 -7.19 5.21 -23.61
C PRO B 281 -5.79 5.31 -23.03
N ARG B 282 -5.01 6.32 -23.41
CA ARG B 282 -3.67 6.48 -22.87
C ARG B 282 -3.67 7.03 -21.44
N VAL B 283 -4.80 7.55 -20.97
CA VAL B 283 -4.85 8.22 -19.68
C VAL B 283 -5.06 7.20 -18.58
N ALA B 284 -4.19 7.21 -17.58
CA ALA B 284 -4.43 6.47 -16.35
C ALA B 284 -5.41 7.26 -15.49
N VAL B 285 -6.41 6.58 -14.95
CA VAL B 285 -7.43 7.21 -14.12
C VAL B 285 -7.45 6.51 -12.77
N LYS B 286 -7.45 7.30 -11.70
CA LYS B 286 -7.69 6.82 -10.35
C LYS B 286 -8.84 7.61 -9.74
N ILE B 287 -9.69 6.93 -8.99
CA ILE B 287 -10.83 7.55 -8.33
C ILE B 287 -10.74 7.23 -6.84
N PHE B 288 -10.94 8.26 -6.01
CA PHE B 288 -10.87 8.11 -4.56
C PHE B 288 -12.02 8.84 -3.90
N ASN B 289 -12.62 8.19 -2.90
CA ASN B 289 -13.54 8.84 -1.98
C ASN B 289 -12.72 9.34 -0.80
N VAL B 290 -12.62 10.67 -0.65
CA VAL B 290 -11.72 11.23 0.36
C VAL B 290 -12.06 10.72 1.75
N ALA B 291 -13.34 10.43 2.01
CA ALA B 291 -13.71 9.96 3.34
C ALA B 291 -13.28 8.52 3.61
N ARG B 292 -12.86 7.78 2.59
CA ARG B 292 -12.51 6.38 2.75
C ARG B 292 -11.23 6.02 2.01
N SER B 293 -10.29 6.95 1.92
CA SER B 293 -9.05 6.72 1.19
C SER B 293 -7.88 7.31 1.96
N ASP B 294 -6.68 6.84 1.62
CA ASP B 294 -5.44 7.39 2.17
C ASP B 294 -5.17 8.73 1.49
N LYS B 295 -5.25 9.82 2.27
CA LYS B 295 -5.12 11.15 1.70
C LYS B 295 -3.77 11.34 1.02
N ASN B 296 -2.71 10.78 1.61
CA ASN B 296 -1.38 10.94 1.03
C ASN B 296 -1.25 10.21 -0.31
N GLU B 297 -2.03 9.14 -0.50
CA GLU B 297 -2.07 8.49 -1.80
C GLU B 297 -2.80 9.35 -2.82
N ILE B 298 -3.89 10.00 -2.42
CA ILE B 298 -4.57 10.92 -3.32
C ILE B 298 -3.61 11.98 -3.80
N LEU B 299 -2.80 12.53 -2.89
CA LEU B 299 -1.92 13.63 -3.25
C LEU B 299 -0.77 13.14 -4.12
N THR B 300 -0.26 11.94 -3.86
CA THR B 300 0.76 11.37 -4.74
C THR B 300 0.22 11.24 -6.16
N ASN B 301 -1.04 10.80 -6.30
CA ASN B 301 -1.61 10.70 -7.63
C ASN B 301 -1.80 12.08 -8.25
N VAL B 302 -2.31 13.04 -7.47
CA VAL B 302 -2.42 14.42 -7.97
C VAL B 302 -1.07 14.89 -8.49
N PHE B 303 0.00 14.62 -7.73
CA PHE B 303 1.34 14.98 -8.16
C PHE B 303 1.68 14.33 -9.51
N ARG B 304 1.27 13.08 -9.70
CA ARG B 304 1.55 12.37 -10.94
C ARG B 304 0.61 12.73 -12.08
N SER B 305 -0.43 13.50 -11.82
CA SER B 305 -1.52 13.68 -12.76
C SER B 305 -1.37 14.95 -13.57
N LYS B 306 -1.85 14.92 -14.81
CA LYS B 306 -1.96 16.12 -15.62
C LYS B 306 -3.15 16.98 -15.23
N GLY B 307 -4.16 16.40 -14.59
CA GLY B 307 -5.30 17.17 -14.13
C GLY B 307 -6.15 16.35 -13.19
N VAL B 308 -7.02 17.05 -12.46
CA VAL B 308 -7.88 16.42 -11.47
C VAL B 308 -9.32 16.86 -11.70
N LEU B 309 -10.25 16.00 -11.27
CA LEU B 309 -11.64 16.37 -11.08
C LEU B 309 -11.99 16.13 -9.62
N VAL B 310 -12.56 17.15 -8.98
CA VAL B 310 -12.91 17.10 -7.57
C VAL B 310 -14.42 17.22 -7.46
N GLY B 311 -15.03 16.37 -6.64
CA GLY B 311 -16.47 16.33 -6.50
C GLY B 311 -16.92 16.59 -5.08
N THR B 312 -18.03 17.30 -4.94
CA THR B 312 -18.65 17.52 -3.65
C THR B 312 -20.14 17.75 -3.84
N SER B 313 -20.94 17.21 -2.93
CA SER B 313 -22.32 17.65 -2.84
C SER B 313 -22.38 18.96 -2.06
N THR B 314 -23.53 19.62 -2.12
CA THR B 314 -23.76 20.83 -1.34
C THR B 314 -24.37 20.45 0.01
N MET B 315 -23.75 20.91 1.09
CA MET B 315 -24.20 20.65 2.45
C MET B 315 -24.27 21.98 3.17
N ASN B 316 -25.49 22.47 3.42
CA ASN B 316 -25.66 23.74 4.12
C ASN B 316 -25.07 24.90 3.32
N ASN B 317 -25.12 24.81 2.00
CA ASN B 317 -24.66 25.82 1.07
C ASN B 317 -23.15 25.81 0.87
N VAL B 318 -22.42 24.92 1.52
CA VAL B 318 -20.96 24.87 1.36
C VAL B 318 -20.55 23.49 0.89
N MET B 319 -19.25 23.29 0.72
CA MET B 319 -18.76 21.99 0.28
C MET B 319 -18.53 21.09 1.50
N MET B 320 -18.37 19.81 1.23
CA MET B 320 -18.16 18.88 2.32
C MET B 320 -16.79 19.12 2.95
N PRO B 321 -16.69 19.06 4.28
CA PRO B 321 -15.48 19.57 4.94
C PRO B 321 -14.19 18.88 4.52
N LYS B 322 -14.22 17.57 4.27
CA LYS B 322 -12.99 16.89 3.86
C LYS B 322 -12.49 17.41 2.52
N ILE B 323 -13.40 17.82 1.63
CA ILE B 323 -12.98 18.43 0.36
C ILE B 323 -12.38 19.81 0.62
N ALA B 324 -13.04 20.61 1.45
CA ALA B 324 -12.46 21.90 1.84
C ALA B 324 -11.06 21.72 2.41
N GLY B 325 -10.91 20.78 3.34
CA GLY B 325 -9.61 20.55 3.95
C GLY B 325 -8.55 20.11 2.96
N LEU B 326 -8.90 19.18 2.07
CA LEU B 326 -7.94 18.71 1.08
C LEU B 326 -7.59 19.82 0.09
N VAL B 327 -8.56 20.66 -0.28
CA VAL B 327 -8.26 21.77 -1.17
C VAL B 327 -7.37 22.79 -0.47
N GLU B 328 -7.60 23.02 0.83
CA GLU B 328 -6.68 23.86 1.58
C GLU B 328 -5.27 23.31 1.50
N GLU B 329 -5.10 22.00 1.68
CA GLU B 329 -3.76 21.44 1.67
C GLU B 329 -3.11 21.56 0.30
N MET B 330 -3.87 21.32 -0.76
CA MET B 330 -3.32 21.48 -2.10
C MET B 330 -2.89 22.92 -2.36
N THR B 331 -3.60 23.90 -1.79
CA THR B 331 -3.20 25.28 -1.95
C THR B 331 -1.78 25.51 -1.45
N GLY B 332 -1.41 24.81 -0.37
CA GLY B 332 -0.05 24.96 0.15
C GLY B 332 0.99 24.17 -0.60
N LEU B 333 0.62 23.05 -1.21
CA LEU B 333 1.58 22.26 -1.96
C LEU B 333 1.95 22.92 -3.29
N ARG B 334 1.10 23.79 -3.82
CA ARG B 334 1.39 24.56 -5.03
C ARG B 334 1.75 23.65 -6.21
N PHE B 335 0.79 22.79 -6.57
CA PHE B 335 0.93 22.02 -7.79
C PHE B 335 0.92 22.95 -8.99
N ARG B 336 1.76 22.64 -9.98
CA ARG B 336 1.96 23.53 -11.10
C ARG B 336 1.66 22.83 -12.43
N ASN B 337 1.12 23.59 -13.37
CA ASN B 337 0.83 23.12 -14.72
C ASN B 337 -0.20 22.00 -14.72
N LYS B 338 -1.10 22.00 -13.75
CA LYS B 338 -2.17 21.03 -13.68
C LYS B 338 -3.51 21.71 -13.94
N ARG B 339 -4.47 20.92 -14.42
CA ARG B 339 -5.81 21.40 -14.74
C ARG B 339 -6.81 20.73 -13.80
N ALA B 340 -7.99 21.34 -13.69
CA ALA B 340 -8.98 20.82 -12.77
C ALA B 340 -10.38 21.21 -13.25
N SER B 341 -11.35 20.43 -12.79
CA SER B 341 -12.76 20.62 -13.08
C SER B 341 -13.56 20.14 -11.88
N ALA B 342 -14.50 20.96 -11.41
CA ALA B 342 -15.30 20.62 -10.24
C ALA B 342 -16.64 20.04 -10.66
N PHE B 343 -17.19 19.19 -9.80
CA PHE B 343 -18.49 18.58 -10.09
C PHE B 343 -19.12 18.19 -8.77
N GLY B 344 -20.38 17.76 -8.85
CA GLY B 344 -21.08 17.29 -7.68
C GLY B 344 -22.57 17.41 -7.85
N SER B 345 -23.28 16.81 -6.89
CA SER B 345 -24.73 16.77 -6.86
C SER B 345 -25.26 17.71 -5.78
N HIS B 346 -26.47 18.22 -5.99
CA HIS B 346 -27.12 19.11 -5.05
C HIS B 346 -28.59 18.77 -4.98
N GLY B 347 -29.26 19.30 -3.95
CA GLY B 347 -30.68 19.08 -3.79
C GLY B 347 -31.53 20.20 -4.37
N TRP B 348 -31.09 21.45 -4.18
CA TRP B 348 -31.88 22.58 -4.67
C TRP B 348 -30.99 23.72 -5.16
N SER B 349 -30.49 24.53 -4.23
CA SER B 349 -29.77 25.74 -4.60
C SER B 349 -28.37 25.48 -5.13
N GLY B 350 -27.80 24.31 -4.84
CA GLY B 350 -26.41 24.10 -5.24
C GLY B 350 -25.51 25.17 -4.66
N GLY B 351 -24.44 25.47 -5.39
CA GLY B 351 -23.47 26.49 -5.02
C GLY B 351 -22.14 25.92 -4.56
N ALA B 352 -22.14 24.72 -3.97
CA ALA B 352 -20.90 24.15 -3.49
C ALA B 352 -19.93 23.86 -4.62
N VAL B 353 -20.46 23.50 -5.81
CA VAL B 353 -19.59 23.20 -6.93
C VAL B 353 -18.86 24.46 -7.40
N ASP B 354 -19.59 25.57 -7.54
CA ASP B 354 -18.94 26.83 -7.90
C ASP B 354 -17.93 27.26 -6.84
N ARG B 355 -18.31 27.14 -5.57
CA ARG B 355 -17.38 27.42 -4.47
C ARG B 355 -16.12 26.59 -4.62
N LEU B 356 -16.27 25.28 -4.85
CA LEU B 356 -15.13 24.39 -5.02
C LEU B 356 -14.29 24.80 -6.22
N SER B 357 -14.93 25.05 -7.36
CA SER B 357 -14.20 25.43 -8.55
C SER B 357 -13.35 26.67 -8.28
N THR B 358 -13.92 27.66 -7.59
CA THR B 358 -13.17 28.86 -7.27
C THR B 358 -11.94 28.53 -6.43
N ARG B 359 -12.11 27.70 -5.40
CA ARG B 359 -10.98 27.38 -4.52
C ARG B 359 -9.95 26.50 -5.22
N LEU B 360 -10.38 25.65 -6.17
CA LEU B 360 -9.41 24.92 -6.97
C LEU B 360 -8.56 25.88 -7.80
N GLN B 361 -9.17 26.96 -8.30
CA GLN B 361 -8.38 27.99 -8.95
C GLN B 361 -7.44 28.67 -7.97
N ASP B 362 -7.94 29.00 -6.78
CA ASP B 362 -7.09 29.59 -5.76
C ASP B 362 -5.88 28.71 -5.45
N ALA B 363 -6.04 27.39 -5.57
CA ALA B 363 -4.96 26.46 -5.28
C ALA B 363 -3.97 26.32 -6.43
N GLY B 364 -4.25 26.90 -7.60
CA GLY B 364 -3.32 26.90 -8.70
C GLY B 364 -3.72 26.10 -9.92
N PHE B 365 -4.88 25.46 -9.92
CA PHE B 365 -5.30 24.65 -11.05
C PHE B 365 -5.93 25.51 -12.15
N GLU B 366 -5.59 25.20 -13.40
CA GLU B 366 -6.28 25.79 -14.53
C GLU B 366 -7.63 25.10 -14.68
N MET B 367 -8.71 25.88 -14.64
CA MET B 367 -10.05 25.35 -14.43
C MET B 367 -10.78 25.14 -15.75
N SER B 368 -11.37 23.96 -15.91
CA SER B 368 -12.33 23.68 -16.96
C SER B 368 -13.75 23.81 -16.39
N LEU B 369 -14.73 23.76 -17.27
CA LEU B 369 -16.12 23.93 -16.84
C LEU B 369 -16.48 22.93 -15.76
N SER B 370 -17.40 23.34 -14.89
CA SER B 370 -17.90 22.46 -13.84
C SER B 370 -19.02 21.58 -14.38
N LEU B 371 -19.37 20.56 -13.61
CA LEU B 371 -20.44 19.63 -13.93
C LEU B 371 -21.35 19.48 -12.73
N LYS B 372 -22.64 19.70 -12.93
CA LYS B 372 -23.61 19.66 -11.84
C LYS B 372 -24.76 18.74 -12.20
N ALA B 373 -25.34 18.12 -11.17
CA ALA B 373 -26.53 17.30 -11.33
C ALA B 373 -27.39 17.44 -10.09
N LYS B 374 -28.68 17.26 -10.26
CA LYS B 374 -29.65 17.36 -9.17
C LYS B 374 -30.00 15.97 -8.68
N TRP B 375 -29.94 15.77 -7.35
CA TRP B 375 -30.27 14.49 -6.74
C TRP B 375 -29.53 13.34 -7.42
N ARG B 376 -30.20 12.18 -7.62
CA ARG B 376 -29.50 11.06 -8.23
C ARG B 376 -29.55 11.18 -9.74
N PRO B 377 -28.42 11.08 -10.44
CA PRO B 377 -28.42 11.17 -11.91
C PRO B 377 -29.16 10.00 -12.52
N ASP B 378 -30.18 10.29 -13.33
CA ASP B 378 -30.84 9.25 -14.10
C ASP B 378 -30.00 8.97 -15.35
N GLN B 379 -30.52 8.14 -16.25
CA GLN B 379 -29.72 7.75 -17.42
C GLN B 379 -29.33 8.95 -18.26
N ASP B 380 -30.23 9.94 -18.38
CA ASP B 380 -29.89 11.13 -19.15
C ASP B 380 -28.80 11.94 -18.48
N ALA B 381 -28.85 12.09 -17.16
CA ALA B 381 -27.83 12.86 -16.46
C ALA B 381 -26.48 12.16 -16.52
N LEU B 382 -26.47 10.82 -16.42
CA LEU B 382 -25.20 10.10 -16.49
C LEU B 382 -24.55 10.24 -17.86
N LYS B 383 -25.34 10.31 -18.94
CA LYS B 383 -24.78 10.57 -20.25
C LYS B 383 -24.03 11.90 -20.26
N LEU B 384 -24.64 12.94 -19.70
CA LEU B 384 -23.95 14.23 -19.57
C LEU B 384 -22.64 14.07 -18.81
N CYS B 385 -22.63 13.20 -17.80
CA CYS B 385 -21.41 12.97 -17.04
C CYS B 385 -20.35 12.30 -17.88
N ARG B 386 -20.74 11.26 -18.63
CA ARG B 386 -19.79 10.64 -19.54
C ARG B 386 -19.30 11.64 -20.58
N GLU B 387 -20.20 12.46 -21.10
CA GLU B 387 -19.80 13.44 -22.10
C GLU B 387 -18.86 14.48 -21.50
N HIS B 388 -19.09 14.87 -20.24
CA HIS B 388 -18.14 15.73 -19.56
C HIS B 388 -16.77 15.07 -19.50
N GLY B 389 -16.73 13.78 -19.14
CA GLY B 389 -15.47 13.06 -19.19
C GLY B 389 -14.85 13.06 -20.56
N ARG B 390 -15.67 12.84 -21.60
CA ARG B 390 -15.16 12.88 -22.96
C ARG B 390 -14.59 14.24 -23.29
N GLU B 391 -15.29 15.31 -22.93
CA GLU B 391 -14.81 16.66 -23.23
C GLU B 391 -13.53 16.98 -22.47
N ILE B 392 -13.42 16.50 -21.23
CA ILE B 392 -12.20 16.72 -20.46
C ILE B 392 -11.02 16.02 -21.10
N ALA B 393 -11.20 14.76 -21.52
CA ALA B 393 -10.10 14.03 -22.14
C ALA B 393 -9.61 14.73 -23.41
N ARG B 394 -10.55 15.18 -24.25
CA ARG B 394 -10.17 15.89 -25.46
C ARG B 394 -9.44 17.19 -25.13
N GLN B 395 -9.97 17.96 -24.18
CA GLN B 395 -9.32 19.21 -23.77
C GLN B 395 -7.91 18.95 -23.25
N TRP B 396 -7.75 17.95 -22.40
CA TRP B 396 -6.50 17.72 -21.69
C TRP B 396 -5.59 16.72 -22.41
N ALA B 397 -5.94 16.31 -23.62
CA ALA B 397 -5.11 15.36 -24.36
C ALA B 397 -3.70 15.92 -24.52
N LEU B 398 -2.70 15.08 -24.19
CA LEU B 398 -1.31 15.46 -24.40
C LEU B 398 -0.88 15.27 -25.85
N ALA B 399 -1.59 14.46 -26.62
CA ALA B 399 -1.31 14.22 -28.02
C ALA B 399 -2.62 14.23 -28.79
N PRO B 400 -2.57 14.48 -30.10
CA PRO B 400 -3.72 14.73 -30.98
C PRO B 400 -4.93 13.85 -30.70
N LEU B 401 -4.94 11.37 -29.57
CA LEU B 401 -6.29 10.84 -29.60
C LEU B 401 -6.41 9.81 -30.71
N PRO B 402 -6.27 8.53 -30.35
CA PRO B 402 -6.37 7.41 -31.30
C PRO B 402 -7.77 7.30 -31.89
#